data_8ULC
#
_entry.id   8ULC
#
_cell.length_a   118.324
_cell.length_b   179.606
_cell.length_c   234.349
_cell.angle_alpha   90.00
_cell.angle_beta   90.00
_cell.angle_gamma   90.00
#
_symmetry.space_group_name_H-M   'I 2 2 2'
#
loop_
_entity.id
_entity.type
_entity.pdbx_description
1 polymer 'Lysine-specific histone demethylase 1A'
2 polymer 'REST corepressor 1'
3 non-polymer 'methyl 3-{(1R,3S,3aS,13R)-8-[(2S,3S,4R)-5-{[(S)-{[(S)-{[(2R,3S,4R,5R)-5-(6-amino-9H-purin-9-yl)-3,4-dihydroxyoxolan-2-yl]methoxy}(hydroxy)phosphoryl]oxy}(hydroxy)phosphoryl]oxy}-2,3,4-trihydroxypentyl]-1-hydroxy-10,11-dimethyl-4,6-dioxo-2,3,4,5,6,8-hexahydro-1H-benzo[g]pyrrolo[2,1-e]pteridin-3-yl}benzoate (non-preferred name)'
#
loop_
_entity_poly.entity_id
_entity_poly.type
_entity_poly.pdbx_seq_one_letter_code
_entity_poly.pdbx_strand_id
1 'polypeptide(L)'
;GSSHHHHHHSSGLVPRGSHMLSGKKAAAAAAAAAAAATGTEAGPGTAGGSENGSEVAAQPAGLSGPAEVGPGAVGERTPR
KKEPPRASPPGGLAEPPGSAGPQAGPTVVPGSATPMETGIAETPEGRRTSRRKRAKVEYREMDESLANLSEDEYYSEEER
NAKAEKEKKLPPPPPQAPPEEENESEPEEPSGVEGAAFQSRLPHDRMTSQEAACFPDIISGPQQTQKVFLFIRNRTLQLW
LDNPKIQLTFEATLQQLEAPYNSDTVLVHRVHSYLERHGLINFGIYKRIKPLPTKKTGKVIIIGSGVSGLAAARQLQSFG
MDVTLLEARDRVGGRVATFRKGNYVADLGAMVVTGLGGNPMAVVSKQVNMELAKIKQKCPLYEANGQAVPKEKDEMVEQE
FNRLLEATSYLSHQLDFNVLNNKPVSLGQALEVVIQLQEKHVKDEQIEHWKKIVKTQEELKELLNKMVNLKEKIKELHQQ
YKEASEVKPPRDITAEFLVKSKHRDLTALCKEYDELAETQGKLEEKLQELEANPPSDVYLSSRDRQILDWHFANLEFANA
TPLSTLSLKHWDQDDDFEFTGSHLTVRNGYSCVPVALAEGLDIKLNTAVRQVRYTASGCEVIAVNTRSTSQTFIYKCDAV
LCTLPLGVLKQQPPAVQFVPPLPEWKTSAVQRMGFGNLNKVVLCFDRVFWDPSVNLFGHVGSTTASRGELFLFWNLYKAP
ILLALVAGEAAGIMENISDDVIVGRCLAILKGIFGSSAVPQPKETVVSRWRADPWARGSYSYVAAGSSGNDYDLMAQPIT
PGPSIPGAPQPIPRLFFAGEHTIRNYPATVHGALLSGLREAGRIADQFLGAMYTLPRQATPGVPAQQSPSM
;
A
2 'polypeptide(L)'
;GPLGSPEFRAKRKPPKGMFLSQEDVEAVSANATAATTVLRQLDMELVSVKRQIQNIKQTNSALKEKLDGGIEPYRLPEVI
QKCNARWTTEEQLLAVQAIRKYGRDFQAISDVIGNKSVVQVKNFFVNYRRRFNIDEVLQEWEAE
;
B
#
loop_
_chem_comp.id
_chem_comp.type
_chem_comp.name
_chem_comp.formula
XRK non-polymer 'methyl 3-{(1R,3S,3aS,13R)-8-[(2S,3S,4R)-5-{[(S)-{[(S)-{[(2R,3S,4R,5R)-5-(6-amino-9H-purin-9-yl)-3,4-dihydroxyoxolan-2-yl]methoxy}(hydroxy)phosphoryl]oxy}(hydroxy)phosphoryl]oxy}-2,3,4-trihydroxypentyl]-1-hydroxy-10,11-dimethyl-4,6-dioxo-2,3,4,5,6,8-hexahydro-1H-benzo[g]pyrrolo[2,1-e]pteridin-3-yl}benzoate (non-preferred name)' 'C38 H45 N9 O18 P2'
#
# COMPACT_ATOMS: atom_id res chain seq x y z
N PRO A 190 -27.32 7.48 -2.40
CA PRO A 190 -28.39 7.82 -1.45
C PRO A 190 -29.32 8.95 -1.95
N SER A 191 -30.61 8.85 -1.63
CA SER A 191 -31.63 9.74 -2.20
C SER A 191 -32.64 10.15 -1.14
N GLY A 192 -33.34 11.25 -1.42
CA GLY A 192 -34.39 11.76 -0.54
C GLY A 192 -33.91 12.87 0.38
N VAL A 193 -34.48 12.96 1.59
CA VAL A 193 -33.86 13.84 2.57
C VAL A 193 -32.54 13.24 3.04
N GLU A 194 -32.43 11.91 3.07
CA GLU A 194 -31.18 11.28 3.49
C GLU A 194 -30.04 11.52 2.49
N GLY A 195 -30.35 11.78 1.22
CA GLY A 195 -29.32 12.11 0.27
C GLY A 195 -28.71 13.45 0.55
N ALA A 196 -29.54 14.42 0.93
CA ALA A 196 -29.04 15.75 1.27
C ALA A 196 -28.11 15.69 2.49
N ALA A 197 -28.43 14.85 3.48
CA ALA A 197 -27.51 14.70 4.61
C ALA A 197 -26.17 14.13 4.15
N PHE A 198 -26.21 13.17 3.23
CA PHE A 198 -24.98 12.55 2.75
C PHE A 198 -24.16 13.53 1.91
N GLN A 199 -24.82 14.24 0.99
CA GLN A 199 -24.19 15.24 0.14
C GLN A 199 -23.70 16.44 0.96
N SER A 200 -24.09 16.53 2.23
CA SER A 200 -23.60 17.55 3.13
C SER A 200 -22.66 16.97 4.19
N ARG A 201 -22.15 15.76 3.95
CA ARG A 201 -21.18 15.12 4.83
C ARG A 201 -21.72 14.97 6.25
N LEU A 202 -23.00 14.60 6.40
CA LEU A 202 -23.65 14.52 7.70
C LEU A 202 -24.42 13.20 7.84
N PRO A 203 -24.32 12.53 8.99
CA PRO A 203 -25.15 11.33 9.19
C PRO A 203 -26.62 11.72 9.21
N HIS A 204 -27.44 10.99 8.45
CA HIS A 204 -28.82 11.41 8.32
C HIS A 204 -29.66 11.09 9.55
N ASP A 205 -29.20 10.14 10.38
CA ASP A 205 -30.01 9.56 11.45
C ASP A 205 -29.39 9.78 12.81
N ARG A 206 -28.67 10.87 12.96
CA ARG A 206 -27.76 11.02 14.08
C ARG A 206 -27.29 12.47 14.13
N MET A 207 -27.27 13.06 15.32
CA MET A 207 -26.82 14.42 15.49
C MET A 207 -25.31 14.45 15.69
N THR A 208 -24.65 15.42 15.04
CA THR A 208 -23.20 15.56 15.10
C THR A 208 -22.77 16.27 16.38
N SER A 209 -21.47 16.26 16.62
CA SER A 209 -20.91 16.98 17.76
C SER A 209 -21.13 18.49 17.63
N GLN A 210 -21.02 19.01 16.41
CA GLN A 210 -21.43 20.39 16.11
C GLN A 210 -22.83 20.67 16.63
N GLU A 211 -23.80 19.84 16.21
CA GLU A 211 -25.20 20.12 16.53
C GLU A 211 -25.51 19.93 18.01
N ALA A 212 -24.85 18.99 18.66
CA ALA A 212 -24.98 18.89 20.11
C ALA A 212 -24.60 20.20 20.80
N ALA A 213 -23.66 20.94 20.24
CA ALA A 213 -23.21 22.16 20.89
C ALA A 213 -24.20 23.29 20.77
N CYS A 214 -24.88 23.41 19.62
CA CYS A 214 -25.89 24.42 19.43
C CYS A 214 -27.29 24.01 19.92
N PHE A 215 -27.56 22.72 20.02
CA PHE A 215 -28.88 22.22 20.41
C PHE A 215 -28.74 21.21 21.53
N PRO A 216 -28.12 21.58 22.65
CA PRO A 216 -28.04 20.65 23.78
C PRO A 216 -29.39 20.33 24.40
N ASP A 217 -30.38 21.22 24.25
CA ASP A 217 -31.75 20.86 24.61
C ASP A 217 -32.24 19.65 23.81
N ILE A 218 -32.08 19.70 22.47
CA ILE A 218 -32.61 18.64 21.62
C ILE A 218 -31.91 17.32 21.90
N ILE A 219 -30.57 17.32 21.91
CA ILE A 219 -29.84 16.06 21.92
C ILE A 219 -29.90 15.41 23.31
N SER A 220 -30.08 16.18 24.37
CA SER A 220 -30.27 15.62 25.69
C SER A 220 -31.71 15.19 25.93
N GLY A 221 -32.62 15.59 25.04
CA GLY A 221 -34.04 15.38 25.19
C GLY A 221 -34.51 14.04 24.66
N PRO A 222 -35.84 13.91 24.52
CA PRO A 222 -36.42 12.65 24.05
C PRO A 222 -36.11 12.33 22.59
N GLN A 223 -35.89 11.03 22.33
CA GLN A 223 -35.58 10.49 21.01
C GLN A 223 -36.50 11.03 19.92
N GLN A 224 -37.71 11.46 20.29
CA GLN A 224 -38.64 11.87 19.26
C GLN A 224 -38.30 13.26 18.73
N THR A 225 -38.03 14.22 19.62
CA THR A 225 -37.66 15.55 19.14
C THR A 225 -36.41 15.48 18.27
N GLN A 226 -35.48 14.56 18.59
CA GLN A 226 -34.28 14.40 17.77
C GLN A 226 -34.65 14.07 16.33
N LYS A 227 -35.54 13.09 16.13
CA LYS A 227 -35.93 12.78 14.76
C LYS A 227 -36.64 13.94 14.07
N VAL A 228 -37.36 14.77 14.83
CA VAL A 228 -38.01 15.92 14.22
C VAL A 228 -36.95 16.90 13.73
N PHE A 229 -36.05 17.27 14.63
CA PHE A 229 -34.89 18.09 14.29
C PHE A 229 -34.17 17.52 13.08
N LEU A 230 -33.78 16.23 13.17
CA LEU A 230 -33.02 15.61 12.09
C LEU A 230 -33.74 15.73 10.76
N PHE A 231 -35.08 15.60 10.77
CA PHE A 231 -35.82 15.76 9.53
C PHE A 231 -35.76 17.21 9.04
N ILE A 232 -35.88 18.17 9.97
CA ILE A 232 -35.89 19.58 9.59
C ILE A 232 -34.56 19.96 8.95
N ARG A 233 -33.45 19.54 9.58
CA ARG A 233 -32.13 19.73 9.00
C ARG A 233 -32.08 19.16 7.58
N ASN A 234 -32.39 17.86 7.43
CA ASN A 234 -32.21 17.20 6.13
C ASN A 234 -33.11 17.80 5.07
N ARG A 235 -34.34 18.13 5.46
CA ARG A 235 -35.28 18.79 4.55
C ARG A 235 -34.75 20.14 4.07
N THR A 236 -34.17 20.93 4.98
CA THR A 236 -33.64 22.24 4.59
C THR A 236 -32.38 22.09 3.77
N LEU A 237 -31.49 21.18 4.18
CA LEU A 237 -30.35 20.84 3.33
C LEU A 237 -30.81 20.52 1.92
N GLN A 238 -31.81 19.63 1.82
CA GLN A 238 -32.39 19.27 0.52
C GLN A 238 -32.79 20.51 -0.26
N LEU A 239 -33.68 21.32 0.32
CA LEU A 239 -34.19 22.48 -0.39
C LEU A 239 -33.08 23.36 -0.94
N TRP A 240 -32.01 23.55 -0.16
CA TRP A 240 -30.86 24.31 -0.66
C TRP A 240 -30.19 23.59 -1.82
N LEU A 241 -29.87 22.31 -1.62
CA LEU A 241 -29.10 21.57 -2.62
C LEU A 241 -29.83 21.50 -3.95
N ASP A 242 -31.16 21.32 -3.90
CA ASP A 242 -31.99 21.19 -5.08
C ASP A 242 -31.88 22.40 -5.98
N ASN A 243 -31.57 23.56 -5.40
CA ASN A 243 -31.46 24.80 -6.16
C ASN A 243 -30.52 25.69 -5.42
N PRO A 244 -29.20 25.63 -5.69
CA PRO A 244 -28.24 26.42 -4.97
C PRO A 244 -27.87 27.69 -5.73
N LYS A 245 -28.72 28.11 -6.66
CA LYS A 245 -28.45 29.36 -7.37
C LYS A 245 -29.19 30.55 -6.76
N ILE A 246 -30.08 30.31 -5.78
CA ILE A 246 -30.79 31.37 -5.07
C ILE A 246 -30.66 31.13 -3.58
N GLN A 247 -30.72 32.23 -2.81
CA GLN A 247 -30.72 32.13 -1.36
C GLN A 247 -31.92 31.32 -0.87
N LEU A 248 -31.71 30.52 0.17
CA LEU A 248 -32.79 29.81 0.84
C LEU A 248 -33.12 30.55 2.12
N THR A 249 -34.21 31.31 2.10
CA THR A 249 -34.65 32.09 3.24
C THR A 249 -35.40 31.22 4.23
N PHE A 250 -35.47 31.68 5.48
CA PHE A 250 -36.22 30.94 6.50
C PHE A 250 -37.71 30.85 6.16
N GLU A 251 -38.26 31.91 5.56
CA GLU A 251 -39.65 31.87 5.11
C GLU A 251 -39.84 30.80 4.05
N ALA A 252 -39.03 30.85 2.99
CA ALA A 252 -39.12 29.83 1.94
C ALA A 252 -39.00 28.43 2.51
N THR A 253 -38.19 28.27 3.56
CA THR A 253 -38.00 26.95 4.16
C THR A 253 -39.27 26.48 4.85
N LEU A 254 -39.78 27.30 5.78
CA LEU A 254 -40.94 26.93 6.57
C LEU A 254 -42.16 26.67 5.70
N GLN A 255 -42.23 27.30 4.52
CA GLN A 255 -43.38 27.11 3.64
C GLN A 255 -43.44 25.70 3.07
N GLN A 256 -42.30 25.20 2.60
CA GLN A 256 -42.24 23.88 1.95
C GLN A 256 -42.18 22.80 3.01
N LEU A 257 -41.97 23.18 4.25
CA LEU A 257 -41.99 22.16 5.32
C LEU A 257 -43.44 21.75 5.55
N GLU A 258 -43.67 20.52 5.95
CA GLU A 258 -45.07 20.07 6.14
C GLU A 258 -45.28 19.68 7.60
N ALA A 259 -46.53 19.70 8.04
CA ALA A 259 -46.83 19.30 9.43
C ALA A 259 -46.58 17.81 9.59
N PRO A 260 -46.13 17.33 10.75
CA PRO A 260 -46.14 18.13 11.96
C PRO A 260 -44.82 18.87 12.15
N TYR A 261 -43.92 18.71 11.18
CA TYR A 261 -42.55 19.29 11.24
C TYR A 261 -42.61 20.81 11.28
N ASN A 262 -43.57 21.44 10.60
CA ASN A 262 -43.62 22.92 10.59
C ASN A 262 -44.46 23.46 11.74
N SER A 263 -44.88 22.62 12.68
CA SER A 263 -45.68 23.10 13.81
C SER A 263 -44.86 24.08 14.64
N ASP A 264 -43.59 23.73 14.90
CA ASP A 264 -42.75 24.61 15.75
C ASP A 264 -41.88 25.46 14.84
N THR A 265 -42.05 26.77 14.92
CA THR A 265 -41.28 27.67 14.03
C THR A 265 -39.96 28.01 14.69
N VAL A 266 -39.92 28.10 16.01
CA VAL A 266 -38.60 28.45 16.55
C VAL A 266 -37.60 27.34 16.28
N LEU A 267 -38.03 26.07 16.35
CA LEU A 267 -37.13 24.99 15.98
C LEU A 267 -36.70 25.10 14.52
N VAL A 268 -37.62 25.47 13.63
CA VAL A 268 -37.27 25.60 12.23
C VAL A 268 -36.39 26.81 12.01
N HIS A 269 -36.76 27.95 12.62
CA HIS A 269 -35.89 29.13 12.55
C HIS A 269 -34.54 28.83 13.18
N ARG A 270 -34.53 28.01 14.23
CA ARG A 270 -33.28 27.77 14.92
C ARG A 270 -32.38 26.82 14.14
N VAL A 271 -32.95 25.83 13.45
CA VAL A 271 -32.17 24.96 12.56
C VAL A 271 -31.68 25.75 11.36
N HIS A 272 -32.59 26.47 10.68
CA HIS A 272 -32.18 27.18 9.47
C HIS A 272 -31.01 28.12 9.75
N SER A 273 -31.00 28.71 10.95
CA SER A 273 -29.97 29.70 11.21
C SER A 273 -28.62 29.04 11.49
N TYR A 274 -28.62 27.94 12.26
CA TYR A 274 -27.47 27.04 12.32
C TYR A 274 -26.91 26.72 10.94
N LEU A 275 -27.74 26.24 10.03
CA LEU A 275 -27.23 25.85 8.73
C LEU A 275 -26.63 27.03 7.98
N GLU A 276 -27.25 28.19 8.09
CA GLU A 276 -26.80 29.33 7.31
C GLU A 276 -25.46 29.82 7.84
N ARG A 277 -25.29 29.71 9.14
CA ARG A 277 -24.12 30.27 9.81
C ARG A 277 -22.89 29.43 9.52
N HIS A 278 -23.03 28.10 9.57
CA HIS A 278 -21.91 27.22 9.31
C HIS A 278 -21.83 26.79 7.85
N GLY A 279 -22.36 27.62 6.96
CA GLY A 279 -22.11 27.48 5.53
C GLY A 279 -22.56 26.17 4.94
N LEU A 280 -23.57 25.53 5.53
CA LEU A 280 -24.15 24.33 4.94
C LEU A 280 -25.21 24.68 3.89
N ILE A 281 -25.84 25.84 4.01
CA ILE A 281 -26.75 26.38 3.01
C ILE A 281 -26.33 27.82 2.75
N ASN A 282 -26.71 28.35 1.60
CA ASN A 282 -26.36 29.71 1.19
C ASN A 282 -24.88 30.01 1.40
N PHE A 283 -24.05 29.21 0.73
CA PHE A 283 -22.63 29.48 0.57
C PHE A 283 -22.31 29.47 -0.92
N GLY A 284 -21.20 30.05 -1.30
CA GLY A 284 -20.85 30.15 -2.70
C GLY A 284 -21.45 31.39 -3.34
N ILE A 285 -21.94 31.24 -4.56
CA ILE A 285 -22.46 32.38 -5.35
C ILE A 285 -23.92 32.18 -5.65
N TYR A 286 -24.80 32.85 -4.92
CA TYR A 286 -26.25 32.70 -5.16
C TYR A 286 -26.89 34.08 -5.24
N LYS A 287 -28.03 34.18 -5.91
CA LYS A 287 -28.77 35.45 -5.96
C LYS A 287 -29.28 35.69 -4.56
N ARG A 288 -29.24 36.91 -4.06
CA ARG A 288 -29.69 37.12 -2.68
C ARG A 288 -31.12 37.63 -2.66
N ILE A 289 -32.01 36.93 -1.98
CA ILE A 289 -33.42 37.38 -1.93
C ILE A 289 -33.45 38.68 -1.13
N LYS A 290 -32.87 38.66 0.06
CA LYS A 290 -32.86 39.89 0.88
C LYS A 290 -31.50 40.54 0.71
N PRO A 291 -31.38 41.74 0.14
CA PRO A 291 -30.09 42.40 -0.02
C PRO A 291 -29.46 42.71 1.34
N LEU A 292 -28.14 42.75 1.36
CA LEU A 292 -27.34 42.92 2.60
C LEU A 292 -27.64 44.23 3.32
N PRO A 293 -27.44 44.27 4.65
CA PRO A 293 -27.73 45.43 5.45
C PRO A 293 -26.82 46.59 5.05
N THR A 294 -27.37 47.79 5.12
CA THR A 294 -26.67 49.03 4.71
C THR A 294 -25.43 49.25 5.58
N LYS A 295 -25.52 48.96 6.89
CA LYS A 295 -24.35 49.19 7.76
C LYS A 295 -23.79 47.86 8.28
N LYS A 296 -22.47 47.76 8.28
CA LYS A 296 -21.73 46.56 8.62
C LYS A 296 -21.36 46.58 10.10
N THR A 297 -21.15 45.41 10.65
CA THR A 297 -20.84 45.37 12.09
C THR A 297 -19.52 44.62 12.23
N GLY A 298 -18.47 45.26 12.73
CA GLY A 298 -17.18 44.57 12.94
C GLY A 298 -16.28 44.65 11.73
N LYS A 299 -14.97 44.60 11.92
CA LYS A 299 -14.12 44.64 10.72
C LYS A 299 -13.12 43.49 10.76
N VAL A 300 -13.04 42.71 9.70
CA VAL A 300 -12.12 41.55 9.66
C VAL A 300 -11.11 41.71 8.55
N ILE A 301 -9.86 41.49 8.89
CA ILE A 301 -8.79 41.42 7.89
C ILE A 301 -8.48 39.95 7.61
N ILE A 302 -8.51 39.58 6.33
CA ILE A 302 -8.27 38.21 5.86
C ILE A 302 -6.93 38.19 5.11
N ILE A 303 -6.00 37.35 5.56
CA ILE A 303 -4.70 37.31 4.91
C ILE A 303 -4.71 36.20 3.86
N GLY A 304 -4.49 36.59 2.61
CA GLY A 304 -4.54 35.63 1.52
C GLY A 304 -5.88 35.56 0.84
N SER A 305 -5.89 35.55 -0.49
CA SER A 305 -7.13 35.29 -1.21
C SER A 305 -7.03 33.97 -1.98
N GLY A 306 -6.49 32.93 -1.34
CA GLY A 306 -6.70 31.58 -1.83
C GLY A 306 -8.13 31.18 -1.55
N VAL A 307 -8.49 29.99 -2.00
CA VAL A 307 -9.90 29.59 -1.94
C VAL A 307 -10.40 29.62 -0.51
N SER A 308 -9.55 29.28 0.45
CA SER A 308 -10.04 29.35 1.83
C SER A 308 -10.31 30.80 2.22
N GLY A 309 -9.36 31.70 1.92
CA GLY A 309 -9.63 33.11 2.13
C GLY A 309 -10.92 33.60 1.50
N LEU A 310 -11.10 33.33 0.20
CA LEU A 310 -12.29 33.87 -0.47
C LEU A 310 -13.57 33.32 0.12
N ALA A 311 -13.57 32.04 0.50
CA ALA A 311 -14.82 31.45 0.96
C ALA A 311 -15.26 32.08 2.27
N ALA A 312 -14.32 32.36 3.18
CA ALA A 312 -14.65 33.09 4.39
C ALA A 312 -15.12 34.50 4.07
N ALA A 313 -14.34 35.24 3.28
CA ALA A 313 -14.73 36.59 2.87
C ALA A 313 -16.17 36.63 2.39
N ARG A 314 -16.54 35.73 1.46
CA ARG A 314 -17.91 35.62 0.99
C ARG A 314 -18.89 35.49 2.14
N GLN A 315 -18.61 34.56 3.07
CA GLN A 315 -19.52 34.31 4.16
C GLN A 315 -19.61 35.50 5.11
N LEU A 316 -18.47 36.10 5.45
CA LEU A 316 -18.47 37.18 6.42
C LEU A 316 -19.23 38.37 5.86
N GLN A 317 -18.92 38.77 4.63
CA GLN A 317 -19.72 39.78 3.96
C GLN A 317 -21.19 39.38 3.93
N SER A 318 -21.47 38.11 3.68
CA SER A 318 -22.86 37.65 3.69
C SER A 318 -23.51 37.85 5.06
N PHE A 319 -22.72 37.83 6.13
CA PHE A 319 -23.24 37.94 7.48
C PHE A 319 -23.28 39.38 7.98
N GLY A 320 -23.03 40.34 7.09
CA GLY A 320 -23.07 41.74 7.44
C GLY A 320 -21.82 42.26 8.08
N MET A 321 -20.66 41.75 7.72
CA MET A 321 -19.43 42.26 8.30
C MET A 321 -18.69 43.05 7.24
N ASP A 322 -17.72 43.84 7.70
CA ASP A 322 -16.83 44.59 6.83
C ASP A 322 -15.58 43.75 6.63
N VAL A 323 -15.23 43.44 5.37
CA VAL A 323 -14.20 42.45 5.08
C VAL A 323 -13.23 43.00 4.05
N THR A 324 -11.94 42.85 4.33
CA THR A 324 -10.90 43.21 3.37
C THR A 324 -9.89 42.05 3.30
N LEU A 325 -9.48 41.68 2.09
CA LEU A 325 -8.51 40.62 1.90
C LEU A 325 -7.20 41.22 1.45
N LEU A 326 -6.08 40.76 2.03
CA LEU A 326 -4.75 41.20 1.62
C LEU A 326 -4.05 40.05 0.91
N GLU A 327 -3.68 40.28 -0.34
CA GLU A 327 -3.09 39.23 -1.17
C GLU A 327 -1.73 39.67 -1.67
N ALA A 328 -0.71 38.85 -1.41
CA ALA A 328 0.64 39.15 -1.87
C ALA A 328 0.74 39.12 -3.40
N ARG A 329 0.03 38.19 -4.05
CA ARG A 329 0.12 38.02 -5.49
C ARG A 329 -0.63 39.15 -6.20
N ASP A 330 -0.53 39.15 -7.52
CA ASP A 330 -1.31 40.04 -8.37
C ASP A 330 -2.55 39.34 -8.92
N ARG A 331 -3.04 38.32 -8.22
CA ARG A 331 -4.19 37.56 -8.70
C ARG A 331 -4.77 36.77 -7.54
N VAL A 332 -6.07 36.51 -7.61
CA VAL A 332 -6.67 35.63 -6.61
C VAL A 332 -6.33 34.18 -6.93
N GLY A 333 -6.63 33.27 -6.00
CA GLY A 333 -6.62 31.84 -6.25
C GLY A 333 -5.60 31.07 -5.48
N GLY A 334 -4.48 31.68 -5.12
CA GLY A 334 -3.45 30.93 -4.42
C GLY A 334 -2.98 29.78 -5.28
N ARG A 335 -3.01 28.58 -4.69
CA ARG A 335 -2.56 27.37 -5.37
C ARG A 335 -3.57 26.84 -6.39
N VAL A 336 -4.65 27.56 -6.64
CA VAL A 336 -5.44 27.39 -7.86
C VAL A 336 -4.92 28.43 -8.85
N ALA A 337 -3.93 28.02 -9.62
CA ALA A 337 -3.33 28.81 -10.70
C ALA A 337 -3.71 28.20 -12.05
N THR A 338 -4.08 29.06 -13.00
CA THR A 338 -4.48 28.62 -14.34
C THR A 338 -3.73 29.39 -15.41
N PHE A 339 -2.82 28.71 -16.09
CA PHE A 339 -2.15 29.31 -17.25
C PHE A 339 -3.14 29.53 -18.38
N ARG A 340 -3.10 30.72 -18.98
CA ARG A 340 -3.97 31.09 -20.09
C ARG A 340 -3.18 31.91 -21.10
N LYS A 341 -3.34 31.54 -22.37
CA LYS A 341 -2.63 32.16 -23.49
C LYS A 341 -3.24 31.60 -24.78
N GLY A 342 -3.79 32.46 -25.62
CA GLY A 342 -4.52 31.97 -26.79
C GLY A 342 -5.65 31.07 -26.35
N ASN A 343 -5.76 29.91 -26.99
CA ASN A 343 -6.79 28.93 -26.64
C ASN A 343 -6.27 27.98 -25.58
N TYR A 344 -5.02 28.18 -25.17
CA TYR A 344 -4.27 27.26 -24.34
C TYR A 344 -4.63 27.52 -22.88
N VAL A 345 -5.13 26.49 -22.19
CA VAL A 345 -5.59 26.62 -20.82
C VAL A 345 -5.05 25.43 -20.07
N ALA A 346 -4.26 25.67 -19.02
CA ALA A 346 -3.71 24.55 -18.27
C ALA A 346 -3.52 24.94 -16.81
N ASP A 347 -4.07 24.15 -15.89
CA ASP A 347 -3.86 24.41 -14.48
C ASP A 347 -2.45 24.02 -14.05
N LEU A 348 -1.81 24.94 -13.35
CA LEU A 348 -0.47 24.70 -12.79
C LEU A 348 -0.63 24.29 -11.34
N GLY A 349 -1.83 24.38 -10.79
CA GLY A 349 -2.07 24.01 -9.39
C GLY A 349 -3.10 22.93 -9.28
N ALA A 350 -4.20 23.21 -8.59
CA ALA A 350 -5.26 22.19 -8.47
C ALA A 350 -5.79 21.89 -9.87
N MET A 351 -6.04 20.62 -10.13
CA MET A 351 -6.45 20.17 -11.47
C MET A 351 -7.71 19.31 -11.43
N VAL A 352 -7.90 18.59 -10.33
CA VAL A 352 -8.98 17.57 -10.31
C VAL A 352 -9.99 17.82 -9.21
N VAL A 353 -11.22 17.42 -9.45
CA VAL A 353 -12.30 17.46 -8.44
C VAL A 353 -12.46 16.01 -8.04
N THR A 354 -12.19 15.67 -6.79
CA THR A 354 -12.16 14.25 -6.44
C THR A 354 -13.53 13.61 -6.23
N GLY A 355 -14.48 13.80 -7.13
CA GLY A 355 -15.71 13.04 -6.98
C GLY A 355 -16.81 13.86 -6.36
N LEU A 356 -18.01 13.85 -6.93
CA LEU A 356 -19.05 14.76 -6.47
C LEU A 356 -19.91 14.18 -5.34
N GLY A 357 -19.57 13.01 -4.81
CA GLY A 357 -20.37 12.39 -3.78
C GLY A 357 -20.13 12.97 -2.40
N GLY A 358 -20.81 14.06 -2.10
CA GLY A 358 -20.64 14.72 -0.82
C GLY A 358 -19.62 15.83 -0.85
N ASN A 359 -19.22 16.27 -2.01
CA ASN A 359 -18.21 17.27 -2.30
C ASN A 359 -18.85 18.65 -2.37
N PRO A 360 -18.43 19.60 -1.52
CA PRO A 360 -19.00 20.96 -1.63
C PRO A 360 -18.75 21.58 -2.99
N MET A 361 -17.72 21.13 -3.73
CA MET A 361 -17.51 21.67 -5.07
C MET A 361 -18.63 21.27 -6.01
N ALA A 362 -19.35 20.18 -5.71
CA ALA A 362 -20.53 19.84 -6.50
C ALA A 362 -21.50 21.00 -6.53
N VAL A 363 -21.77 21.61 -5.37
CA VAL A 363 -22.65 22.78 -5.29
C VAL A 363 -22.07 23.93 -6.09
N VAL A 364 -20.77 24.21 -5.90
CA VAL A 364 -20.16 25.34 -6.58
C VAL A 364 -20.20 25.17 -8.09
N SER A 365 -20.01 23.93 -8.57
CA SER A 365 -20.04 23.67 -10.00
C SER A 365 -21.41 23.96 -10.60
N LYS A 366 -22.45 23.82 -9.80
CA LYS A 366 -23.77 24.15 -10.35
C LYS A 366 -23.84 25.67 -10.48
N GLN A 367 -23.29 26.39 -9.52
CA GLN A 367 -23.29 27.87 -9.48
C GLN A 367 -22.43 28.54 -10.53
N VAL A 368 -21.24 28.02 -10.81
CA VAL A 368 -20.31 28.73 -11.73
C VAL A 368 -20.14 27.91 -13.00
N ASN A 369 -20.00 28.52 -14.17
CA ASN A 369 -19.90 27.62 -15.35
C ASN A 369 -18.56 26.93 -15.30
N MET A 370 -18.59 25.63 -15.00
CA MET A 370 -17.38 24.79 -14.95
C MET A 370 -17.60 23.64 -15.90
N GLU A 371 -16.66 23.37 -16.79
CA GLU A 371 -16.81 22.20 -17.67
C GLU A 371 -16.19 21.04 -16.90
N LEU A 372 -16.99 20.22 -16.27
CA LEU A 372 -16.46 19.10 -15.47
C LEU A 372 -16.40 17.89 -16.38
N ALA A 373 -15.20 17.45 -16.72
CA ALA A 373 -15.01 16.31 -17.61
C ALA A 373 -14.42 15.16 -16.84
N LYS A 374 -15.10 14.01 -16.88
CA LYS A 374 -14.65 12.83 -16.15
C LYS A 374 -13.30 12.37 -16.69
N ILE A 375 -12.40 11.94 -15.80
CA ILE A 375 -11.21 11.25 -16.29
C ILE A 375 -11.61 9.82 -16.63
N LYS A 376 -10.84 9.23 -17.54
CA LYS A 376 -10.93 7.81 -17.84
C LYS A 376 -9.75 7.13 -17.16
N GLN A 377 -10.05 6.10 -16.34
CA GLN A 377 -9.07 5.61 -15.39
C GLN A 377 -7.91 4.88 -16.04
N LYS A 378 -8.05 4.47 -17.31
CA LYS A 378 -7.04 3.63 -17.97
C LYS A 378 -5.71 4.37 -18.13
N CYS A 379 -4.64 3.75 -17.68
CA CYS A 379 -3.33 4.37 -17.70
C CYS A 379 -2.26 3.39 -18.20
N PRO A 380 -1.82 3.54 -19.44
CA PRO A 380 -0.76 2.65 -19.96
C PRO A 380 0.63 3.11 -19.54
N LEU A 381 1.36 2.24 -18.83
CA LEU A 381 2.77 2.49 -18.54
C LEU A 381 3.64 2.20 -19.77
N TYR A 382 4.80 2.86 -19.82
CA TYR A 382 5.79 2.72 -20.89
C TYR A 382 7.16 2.71 -20.22
N GLU A 383 7.96 1.67 -20.48
CA GLU A 383 9.27 1.61 -19.84
C GLU A 383 10.21 2.63 -20.48
N ALA A 384 11.40 2.76 -19.91
CA ALA A 384 12.33 3.78 -20.43
C ALA A 384 12.76 3.48 -21.88
N ASN A 385 12.67 2.21 -22.33
CA ASN A 385 12.97 1.88 -23.72
C ASN A 385 12.04 2.64 -24.68
N GLY A 386 10.75 2.73 -24.36
CA GLY A 386 9.77 3.41 -25.19
C GLY A 386 8.56 2.56 -25.55
N GLN A 387 8.38 1.42 -24.87
CA GLN A 387 7.39 0.44 -25.27
C GLN A 387 6.56 0.02 -24.08
N ALA A 388 5.31 -0.33 -24.36
CA ALA A 388 4.34 -0.57 -23.31
C ALA A 388 4.76 -1.73 -22.41
N VAL A 389 4.34 -1.62 -21.17
CA VAL A 389 4.53 -2.77 -20.30
C VAL A 389 3.41 -3.71 -20.74
N PRO A 390 3.67 -5.00 -20.94
CA PRO A 390 2.65 -5.91 -21.40
C PRO A 390 1.60 -6.02 -20.29
N LYS A 391 0.36 -6.23 -20.69
CA LYS A 391 -0.77 -6.25 -19.74
C LYS A 391 -0.54 -7.30 -18.65
N GLU A 392 -0.02 -8.47 -18.97
CA GLU A 392 0.16 -9.47 -17.91
C GLU A 392 1.14 -8.95 -16.86
N LYS A 393 2.23 -8.33 -17.29
CA LYS A 393 3.22 -7.82 -16.29
C LYS A 393 2.62 -6.68 -15.50
N ASP A 394 1.86 -5.84 -16.18
CA ASP A 394 1.27 -4.64 -15.56
C ASP A 394 0.36 -5.04 -14.41
N GLU A 395 -0.39 -6.13 -14.51
CA GLU A 395 -1.29 -6.46 -13.39
C GLU A 395 -0.57 -7.14 -12.22
N MET A 396 0.53 -7.87 -12.39
CA MET A 396 1.06 -8.51 -11.18
C MET A 396 1.92 -7.54 -10.37
N VAL A 397 2.50 -6.51 -11.00
CA VAL A 397 3.17 -5.48 -10.21
C VAL A 397 2.14 -4.64 -9.47
N GLU A 398 1.11 -4.17 -10.19
CA GLU A 398 0.07 -3.41 -9.52
C GLU A 398 -0.48 -4.16 -8.33
N GLN A 399 -0.83 -5.43 -8.50
CA GLN A 399 -1.49 -6.12 -7.41
C GLN A 399 -0.51 -6.38 -6.27
N GLU A 400 0.77 -6.49 -6.61
CA GLU A 400 1.78 -6.59 -5.56
C GLU A 400 1.90 -5.27 -4.82
N PHE A 401 1.90 -4.16 -5.58
CA PHE A 401 1.88 -2.84 -4.98
C PHE A 401 0.77 -2.73 -3.94
N ASN A 402 -0.46 -3.03 -4.34
CA ASN A 402 -1.57 -2.98 -3.38
C ASN A 402 -1.39 -3.98 -2.26
N ARG A 403 -0.83 -5.16 -2.55
CA ARG A 403 -0.55 -6.13 -1.50
C ARG A 403 0.48 -5.58 -0.54
N LEU A 404 1.46 -4.84 -1.05
CA LEU A 404 2.50 -4.27 -0.21
C LEU A 404 1.94 -3.17 0.70
N LEU A 405 1.04 -2.34 0.18
CA LEU A 405 0.39 -1.35 1.04
C LEU A 405 -0.36 -2.02 2.17
N GLU A 406 -1.25 -2.96 1.83
CA GLU A 406 -1.95 -3.76 2.85
C GLU A 406 -0.99 -4.33 3.89
N ALA A 407 0.19 -4.76 3.45
CA ALA A 407 1.18 -5.31 4.38
C ALA A 407 1.58 -4.25 5.42
N THR A 408 1.99 -3.06 4.95
CA THR A 408 2.37 -1.99 5.86
C THR A 408 1.26 -1.70 6.88
N SER A 409 0.02 -1.69 6.42
CA SER A 409 -1.09 -1.50 7.34
C SER A 409 -1.10 -2.57 8.44
N TYR A 410 -0.82 -3.82 8.06
CA TYR A 410 -0.73 -4.91 9.02
C TYR A 410 0.41 -4.71 10.02
N LEU A 411 1.61 -4.35 9.55
CA LEU A 411 2.69 -3.98 10.48
C LEU A 411 2.26 -2.85 11.40
N SER A 412 1.53 -1.88 10.87
CA SER A 412 1.17 -0.71 11.67
C SER A 412 0.19 -1.09 12.77
N HIS A 413 -0.94 -1.68 12.40
CA HIS A 413 -2.06 -1.84 13.34
C HIS A 413 -2.05 -3.17 14.07
N GLN A 414 -1.44 -4.20 13.49
CA GLN A 414 -1.42 -5.51 14.13
C GLN A 414 -0.10 -5.85 14.81
N LEU A 415 1.02 -5.24 14.41
CA LEU A 415 2.33 -5.51 15.02
C LEU A 415 2.90 -4.32 15.77
N ASP A 416 2.17 -3.18 15.81
CA ASP A 416 2.57 -1.96 16.51
C ASP A 416 4.01 -1.54 16.18
N PHE A 417 4.43 -1.84 14.95
CA PHE A 417 5.73 -1.44 14.41
C PHE A 417 5.67 0.05 14.05
N ASN A 418 5.87 0.91 15.05
CA ASN A 418 5.66 2.34 14.84
C ASN A 418 6.73 3.23 15.42
N VAL A 419 7.70 2.70 16.18
CA VAL A 419 8.89 3.41 16.60
C VAL A 419 10.08 2.53 16.26
N LEU A 420 11.25 3.13 16.07
CA LEU A 420 12.42 2.37 15.65
C LEU A 420 13.66 3.21 15.92
N ASN A 421 14.35 2.90 17.02
CA ASN A 421 15.47 3.71 17.53
C ASN A 421 14.96 5.10 17.89
N ASN A 422 13.85 5.11 18.64
CA ASN A 422 13.20 6.32 19.17
C ASN A 422 12.51 7.16 18.10
N LYS A 423 12.74 6.87 16.87
CA LYS A 423 12.23 7.68 15.77
C LYS A 423 10.89 7.12 15.28
N PRO A 424 9.93 7.91 14.83
CA PRO A 424 8.69 7.31 14.29
C PRO A 424 8.94 6.65 12.95
N VAL A 425 8.24 5.55 12.73
CA VAL A 425 8.42 4.82 11.48
C VAL A 425 7.67 5.51 10.36
N SER A 426 8.31 5.65 9.21
CA SER A 426 7.63 6.21 8.06
C SER A 426 7.05 5.12 7.18
N LEU A 427 6.28 5.52 6.18
CA LEU A 427 5.72 4.55 5.26
C LEU A 427 6.84 3.93 4.42
N GLY A 428 7.76 4.75 3.93
CA GLY A 428 8.88 4.23 3.14
C GLY A 428 9.69 3.18 3.88
N GLN A 429 10.08 3.47 5.13
CA GLN A 429 10.72 2.43 5.94
C GLN A 429 9.92 1.15 5.91
N ALA A 430 8.61 1.25 6.18
CA ALA A 430 7.78 0.05 6.31
C ALA A 430 7.72 -0.73 5.01
N LEU A 431 7.61 -0.06 3.87
CA LEU A 431 7.66 -0.78 2.59
C LEU A 431 8.97 -1.55 2.43
N GLU A 432 10.12 -0.89 2.65
CA GLU A 432 11.39 -1.60 2.64
C GLU A 432 11.33 -2.85 3.53
N VAL A 433 11.03 -2.68 4.81
CA VAL A 433 10.92 -3.85 5.71
C VAL A 433 9.96 -4.90 5.17
N VAL A 434 8.92 -4.50 4.46
CA VAL A 434 8.04 -5.53 3.91
C VAL A 434 8.71 -6.21 2.72
N ILE A 435 9.28 -5.43 1.80
CA ILE A 435 9.91 -6.04 0.63
C ILE A 435 11.05 -6.96 1.06
N GLN A 436 11.95 -6.46 1.90
CA GLN A 436 12.99 -7.31 2.47
C GLN A 436 12.42 -8.63 2.98
N LEU A 437 11.36 -8.58 3.79
CA LEU A 437 10.83 -9.84 4.31
C LEU A 437 10.21 -10.73 3.24
N GLN A 438 9.80 -10.17 2.10
CA GLN A 438 9.37 -11.04 1.01
C GLN A 438 10.57 -11.59 0.28
N GLU A 439 11.59 -10.76 0.05
CA GLU A 439 12.85 -11.26 -0.46
C GLU A 439 13.39 -12.39 0.45
N LYS A 440 13.45 -12.13 1.76
CA LYS A 440 13.78 -13.17 2.74
C LYS A 440 13.03 -14.45 2.46
N HIS A 441 11.71 -14.36 2.36
CA HIS A 441 10.93 -15.58 2.33
C HIS A 441 11.15 -16.37 1.03
N VAL A 442 11.43 -15.70 -0.08
CA VAL A 442 11.83 -16.42 -1.30
C VAL A 442 13.11 -17.22 -1.03
N LYS A 443 14.08 -16.62 -0.35
CA LYS A 443 15.30 -17.35 -0.02
C LYS A 443 15.04 -18.46 0.99
N ASP A 444 14.31 -18.21 2.09
CA ASP A 444 14.04 -19.32 3.01
C ASP A 444 13.41 -20.49 2.30
N GLU A 445 12.79 -20.27 1.15
CA GLU A 445 11.99 -21.35 0.64
C GLU A 445 12.71 -22.11 -0.45
N GLN A 446 13.66 -21.46 -1.14
CA GLN A 446 14.61 -22.22 -1.93
C GLN A 446 15.51 -23.08 -1.03
N ILE A 447 16.00 -22.54 0.08
CA ILE A 447 16.79 -23.37 0.99
C ILE A 447 16.00 -24.59 1.42
N GLU A 448 14.71 -24.42 1.74
CA GLU A 448 13.94 -25.56 2.22
C GLU A 448 13.70 -26.60 1.10
N HIS A 449 13.64 -26.16 -0.14
CA HIS A 449 13.37 -27.09 -1.24
C HIS A 449 14.61 -27.85 -1.64
N TRP A 450 15.73 -27.15 -1.89
CA TRP A 450 16.99 -27.85 -2.12
C TRP A 450 17.40 -28.69 -0.92
N LYS A 451 16.96 -28.30 0.27
CA LYS A 451 17.31 -29.16 1.41
C LYS A 451 16.54 -30.46 1.23
N LYS A 452 15.40 -30.41 0.58
CA LYS A 452 14.64 -31.65 0.37
C LYS A 452 15.43 -32.55 -0.58
N ILE A 453 15.96 -31.95 -1.63
CA ILE A 453 16.67 -32.76 -2.63
C ILE A 453 17.90 -33.40 -2.00
N VAL A 454 18.66 -32.69 -1.19
CA VAL A 454 19.85 -33.34 -0.61
C VAL A 454 19.41 -34.49 0.30
N LYS A 455 18.34 -34.33 1.06
CA LYS A 455 17.90 -35.42 1.94
C LYS A 455 17.57 -36.63 1.08
N THR A 456 16.87 -36.44 -0.02
CA THR A 456 16.54 -37.56 -0.92
C THR A 456 17.80 -38.14 -1.55
N GLN A 457 18.71 -37.32 -2.03
CA GLN A 457 19.92 -37.90 -2.67
C GLN A 457 20.71 -38.70 -1.63
N GLU A 458 20.81 -38.20 -0.42
CA GLU A 458 21.55 -38.99 0.59
C GLU A 458 20.85 -40.33 0.82
N GLU A 459 19.52 -40.35 0.88
CA GLU A 459 18.79 -41.63 1.12
C GLU A 459 19.22 -42.63 0.05
N LEU A 460 19.32 -42.14 -1.17
CA LEU A 460 19.77 -42.90 -2.32
C LEU A 460 21.29 -43.15 -2.30
N LYS A 461 22.11 -42.22 -1.81
CA LYS A 461 23.51 -42.56 -1.60
C LYS A 461 23.62 -43.76 -0.66
N GLU A 462 22.95 -43.70 0.48
CA GLU A 462 23.04 -44.80 1.44
C GLU A 462 22.47 -46.09 0.86
N LEU A 463 21.58 -46.00 -0.12
CA LEU A 463 20.99 -47.15 -0.76
C LEU A 463 21.85 -47.73 -1.88
N LEU A 464 22.45 -46.89 -2.71
CA LEU A 464 23.38 -47.42 -3.70
C LEU A 464 24.57 -48.10 -3.02
N ASN A 465 25.15 -47.45 -2.01
CA ASN A 465 26.11 -48.14 -1.16
C ASN A 465 25.63 -49.53 -0.79
N LYS A 466 24.45 -49.66 -0.24
CA LYS A 466 24.05 -51.00 0.16
C LYS A 466 23.76 -51.94 -1.04
N MET A 467 23.46 -51.41 -2.22
CA MET A 467 23.35 -52.29 -3.38
C MET A 467 24.69 -52.63 -4.02
N VAL A 468 25.67 -51.74 -3.96
CA VAL A 468 27.00 -52.18 -4.39
C VAL A 468 27.47 -53.31 -3.49
N ASN A 469 27.33 -53.17 -2.18
CA ASN A 469 27.82 -54.21 -1.28
C ASN A 469 27.05 -55.51 -1.47
N LEU A 470 25.76 -55.42 -1.80
CA LEU A 470 24.99 -56.63 -2.01
C LEU A 470 25.42 -57.33 -3.31
N LYS A 471 25.73 -56.55 -4.35
CA LYS A 471 26.16 -57.16 -5.61
C LYS A 471 27.50 -57.89 -5.50
N GLU A 472 28.24 -57.74 -4.43
CA GLU A 472 29.52 -58.40 -4.41
C GLU A 472 29.47 -59.63 -3.54
N LYS A 473 28.59 -59.60 -2.53
CA LYS A 473 28.25 -60.83 -1.83
C LYS A 473 27.57 -61.80 -2.79
N ILE A 474 26.71 -61.29 -3.68
CA ILE A 474 26.19 -62.11 -4.77
C ILE A 474 27.30 -62.54 -5.72
N LYS A 475 28.27 -61.66 -5.97
CA LYS A 475 29.33 -62.03 -6.90
C LYS A 475 30.12 -63.23 -6.38
N GLU A 476 30.52 -63.22 -5.09
CA GLU A 476 31.28 -64.39 -4.63
C GLU A 476 30.37 -65.55 -4.27
N LEU A 477 29.12 -65.29 -3.86
CA LEU A 477 28.27 -66.42 -3.49
C LEU A 477 27.85 -67.21 -4.73
N HIS A 478 27.80 -66.55 -5.88
CA HIS A 478 27.56 -67.28 -7.13
C HIS A 478 28.77 -68.12 -7.48
N GLN A 479 29.96 -67.51 -7.44
CA GLN A 479 31.21 -68.26 -7.56
C GLN A 479 31.15 -69.52 -6.72
N GLN A 480 30.91 -69.36 -5.42
CA GLN A 480 30.85 -70.50 -4.52
C GLN A 480 29.87 -71.57 -5.00
N TYR A 481 28.66 -71.18 -5.42
CA TYR A 481 27.70 -72.18 -5.90
C TYR A 481 28.18 -72.83 -7.19
N LYS A 482 28.85 -72.07 -8.06
CA LYS A 482 29.40 -72.68 -9.27
C LYS A 482 30.38 -73.78 -8.93
N GLU A 483 31.37 -73.44 -8.12
CA GLU A 483 32.40 -74.42 -7.72
C GLU A 483 31.75 -75.59 -7.00
N ALA A 484 30.57 -75.44 -6.45
CA ALA A 484 30.01 -76.60 -5.76
C ALA A 484 29.21 -77.44 -6.73
N SER A 485 28.89 -76.89 -7.89
CA SER A 485 28.17 -77.71 -8.89
C SER A 485 29.19 -78.48 -9.70
N GLU A 486 30.45 -78.04 -9.67
CA GLU A 486 31.55 -78.72 -10.38
C GLU A 486 31.76 -80.10 -9.76
N VAL A 487 31.61 -80.24 -8.45
CA VAL A 487 31.77 -81.60 -7.89
C VAL A 487 30.63 -82.38 -8.50
N LYS A 488 30.96 -83.33 -9.37
CA LYS A 488 29.91 -84.07 -10.08
C LYS A 488 29.31 -85.12 -9.17
N PRO A 489 28.05 -85.50 -9.43
CA PRO A 489 27.39 -86.52 -8.66
C PRO A 489 27.98 -87.87 -9.05
N PRO A 490 27.96 -88.86 -8.15
CA PRO A 490 26.99 -88.93 -7.09
C PRO A 490 27.74 -88.40 -5.88
N ARG A 491 27.11 -87.51 -5.12
CA ARG A 491 27.83 -86.85 -4.02
C ARG A 491 27.31 -87.29 -2.67
N ASP A 492 28.13 -87.10 -1.65
CA ASP A 492 27.72 -87.40 -0.26
C ASP A 492 26.76 -86.29 0.14
N ILE A 493 25.89 -86.54 1.10
CA ILE A 493 24.78 -85.60 1.30
C ILE A 493 25.25 -84.22 1.77
N THR A 494 26.38 -84.12 2.48
CA THR A 494 26.90 -82.78 2.81
C THR A 494 27.25 -81.99 1.54
N ALA A 495 27.79 -82.66 0.52
CA ALA A 495 28.10 -81.97 -0.72
C ALA A 495 26.86 -81.63 -1.53
N GLU A 496 25.77 -82.39 -1.36
CA GLU A 496 24.51 -82.00 -1.99
C GLU A 496 23.84 -80.92 -1.16
N PHE A 497 24.05 -80.92 0.15
CA PHE A 497 23.49 -79.85 0.96
C PHE A 497 24.15 -78.53 0.62
N LEU A 498 25.38 -78.59 0.14
CA LEU A 498 26.16 -77.38 -0.05
C LEU A 498 25.68 -76.66 -1.30
N VAL A 499 25.28 -77.43 -2.32
CA VAL A 499 24.67 -76.88 -3.51
C VAL A 499 23.30 -76.29 -3.19
N LYS A 500 22.40 -77.10 -2.62
CA LYS A 500 21.07 -76.62 -2.29
C LYS A 500 21.13 -75.39 -1.40
N SER A 501 22.07 -75.36 -0.46
CA SER A 501 22.20 -74.25 0.46
C SER A 501 22.63 -72.98 -0.27
N LYS A 502 23.79 -73.00 -0.94
CA LYS A 502 24.24 -71.84 -1.71
C LYS A 502 23.15 -71.34 -2.65
N HIS A 503 22.34 -72.25 -3.20
CA HIS A 503 21.31 -71.84 -4.15
C HIS A 503 20.18 -71.07 -3.45
N ARG A 504 19.70 -71.60 -2.32
CA ARG A 504 18.75 -70.83 -1.51
C ARG A 504 19.35 -69.49 -1.10
N ASP A 505 20.57 -69.52 -0.60
CA ASP A 505 21.19 -68.26 -0.12
C ASP A 505 21.34 -67.29 -1.27
N LEU A 506 21.74 -67.78 -2.42
CA LEU A 506 21.91 -66.84 -3.55
C LEU A 506 20.56 -66.26 -3.94
N THR A 507 19.50 -67.05 -3.96
CA THR A 507 18.21 -66.45 -4.35
C THR A 507 17.78 -65.43 -3.31
N ALA A 508 18.00 -65.72 -2.03
CA ALA A 508 17.59 -64.79 -0.97
C ALA A 508 18.29 -63.45 -1.19
N LEU A 509 19.59 -63.44 -1.49
CA LEU A 509 20.25 -62.15 -1.76
C LEU A 509 19.65 -61.54 -3.00
N CYS A 510 19.38 -62.35 -4.01
CA CYS A 510 18.76 -61.80 -5.23
C CYS A 510 17.38 -61.23 -4.91
N LYS A 511 16.60 -61.85 -4.03
CA LYS A 511 15.30 -61.24 -3.70
C LYS A 511 15.55 -59.88 -3.08
N GLU A 512 16.49 -59.82 -2.15
CA GLU A 512 16.82 -58.57 -1.44
C GLU A 512 17.30 -57.51 -2.43
N TYR A 513 18.08 -57.89 -3.43
CA TYR A 513 18.60 -56.87 -4.37
C TYR A 513 17.50 -56.37 -5.30
N ASP A 514 16.48 -57.17 -5.49
CA ASP A 514 15.41 -56.76 -6.42
C ASP A 514 14.54 -55.75 -5.69
N GLU A 515 14.37 -55.95 -4.39
CA GLU A 515 13.57 -54.99 -3.60
C GLU A 515 14.28 -53.66 -3.64
N LEU A 516 15.60 -53.64 -3.47
CA LEU A 516 16.31 -52.33 -3.52
C LEU A 516 16.14 -51.70 -4.90
N ALA A 517 16.17 -52.47 -5.98
CA ALA A 517 15.98 -51.84 -7.30
C ALA A 517 14.61 -51.20 -7.38
N GLU A 518 13.57 -51.83 -6.83
CA GLU A 518 12.24 -51.19 -6.87
C GLU A 518 12.35 -49.89 -6.10
N THR A 519 12.79 -49.97 -4.86
CA THR A 519 12.94 -48.76 -4.02
C THR A 519 13.83 -47.75 -4.74
N GLN A 520 14.89 -48.21 -5.37
CA GLN A 520 15.79 -47.26 -6.07
C GLN A 520 15.01 -46.52 -7.15
N GLY A 521 14.18 -47.21 -7.90
CA GLY A 521 13.44 -46.51 -8.97
C GLY A 521 12.61 -45.38 -8.43
N LYS A 522 11.86 -45.63 -7.36
CA LYS A 522 10.99 -44.61 -6.76
C LYS A 522 11.83 -43.38 -6.44
N LEU A 523 12.91 -43.56 -5.68
CA LEU A 523 13.79 -42.43 -5.28
C LEU A 523 14.34 -41.69 -6.49
N GLU A 524 14.65 -42.38 -7.59
CA GLU A 524 15.15 -41.67 -8.78
C GLU A 524 14.00 -40.93 -9.46
N GLU A 525 12.76 -41.35 -9.27
CA GLU A 525 11.61 -40.69 -9.94
C GLU A 525 11.11 -39.53 -9.09
N LYS A 526 11.20 -39.67 -7.78
CA LYS A 526 10.65 -38.65 -6.87
C LYS A 526 11.78 -37.69 -6.52
N LEU A 527 12.60 -37.48 -7.52
CA LEU A 527 13.80 -36.63 -7.52
C LEU A 527 13.69 -35.82 -8.81
N GLN A 528 13.13 -36.43 -9.85
CA GLN A 528 12.86 -35.68 -11.08
C GLN A 528 11.62 -34.85 -10.77
N GLU A 529 10.74 -35.37 -9.90
CA GLU A 529 9.57 -34.53 -9.60
C GLU A 529 10.06 -33.27 -8.87
N LEU A 530 10.86 -33.44 -7.84
CA LEU A 530 11.29 -32.25 -7.06
C LEU A 530 12.11 -31.34 -7.95
N GLU A 531 13.06 -31.88 -8.67
CA GLU A 531 13.88 -30.94 -9.48
C GLU A 531 13.02 -30.31 -10.54
N ALA A 532 11.82 -30.84 -10.76
CA ALA A 532 10.98 -30.29 -11.84
C ALA A 532 9.96 -29.31 -11.28
N ASN A 533 9.92 -29.14 -9.97
CA ASN A 533 8.93 -28.19 -9.39
C ASN A 533 9.68 -27.23 -8.48
N PRO A 534 10.56 -26.38 -9.02
CA PRO A 534 11.32 -25.50 -8.18
C PRO A 534 10.44 -24.29 -7.87
N PRO A 535 10.64 -23.64 -6.72
CA PRO A 535 9.93 -22.43 -6.36
C PRO A 535 10.62 -21.24 -7.02
N SER A 536 9.97 -20.07 -6.97
CA SER A 536 10.50 -18.88 -7.69
C SER A 536 11.88 -18.46 -7.18
N ASP A 537 12.75 -18.15 -8.14
CA ASP A 537 14.16 -17.71 -8.01
C ASP A 537 14.26 -16.29 -7.45
N VAL A 538 13.34 -15.41 -7.84
CA VAL A 538 13.42 -14.00 -7.37
C VAL A 538 12.08 -13.53 -6.86
N TYR A 539 12.11 -12.52 -6.00
CA TYR A 539 10.85 -11.92 -5.51
C TYR A 539 10.37 -10.95 -6.58
N LEU A 540 11.27 -10.06 -7.02
CA LEU A 540 10.88 -9.15 -8.13
C LEU A 540 12.12 -8.93 -8.99
N SER A 541 11.95 -8.92 -10.31
CA SER A 541 13.11 -8.71 -11.20
C SER A 541 13.42 -7.23 -11.28
N SER A 542 14.57 -6.89 -11.87
CA SER A 542 14.90 -5.45 -12.02
C SER A 542 13.84 -4.78 -12.87
N ARG A 543 13.36 -5.40 -13.93
CA ARG A 543 12.25 -4.76 -14.66
C ARG A 543 11.04 -4.73 -13.73
N ASP A 544 10.78 -5.80 -13.00
CA ASP A 544 9.57 -5.79 -12.13
C ASP A 544 9.71 -4.69 -11.11
N ARG A 545 10.86 -4.59 -10.46
CA ARG A 545 11.04 -3.58 -9.40
C ARG A 545 10.91 -2.17 -9.98
N GLN A 546 11.39 -1.93 -11.19
CA GLN A 546 11.26 -0.58 -11.77
C GLN A 546 9.80 -0.23 -11.99
N ILE A 547 8.98 -1.15 -12.46
CA ILE A 547 7.55 -0.84 -12.69
C ILE A 547 6.88 -0.52 -11.37
N LEU A 548 7.22 -1.23 -10.32
CA LEU A 548 6.69 -0.95 -8.97
C LEU A 548 7.10 0.46 -8.56
N ASP A 549 8.33 0.86 -8.86
CA ASP A 549 8.77 2.22 -8.52
C ASP A 549 7.82 3.23 -9.14
N TRP A 550 7.19 2.91 -10.25
CA TRP A 550 6.26 3.89 -10.80
C TRP A 550 5.03 4.00 -9.92
N HIS A 551 4.51 2.86 -9.46
CA HIS A 551 3.39 2.89 -8.53
C HIS A 551 3.75 3.62 -7.24
N PHE A 552 5.03 3.58 -6.83
CA PHE A 552 5.45 4.38 -5.69
C PHE A 552 5.50 5.86 -6.06
N ALA A 553 5.96 6.17 -7.27
CA ALA A 553 5.90 7.57 -7.70
C ALA A 553 4.46 8.07 -7.69
N ASN A 554 3.50 7.19 -7.91
CA ASN A 554 2.12 7.66 -7.86
C ASN A 554 1.70 8.03 -6.44
N LEU A 555 2.04 7.21 -5.45
CA LEU A 555 1.82 7.60 -4.06
C LEU A 555 2.58 8.88 -3.70
N GLU A 556 3.81 9.02 -4.18
CA GLU A 556 4.55 10.23 -3.86
C GLU A 556 3.85 11.44 -4.45
N PHE A 557 3.28 11.30 -5.65
CA PHE A 557 2.47 12.37 -6.23
C PHE A 557 1.21 12.62 -5.42
N ALA A 558 0.46 11.57 -5.07
CA ALA A 558 -0.75 11.72 -4.27
C ALA A 558 -0.52 12.55 -3.01
N ASN A 559 0.54 12.26 -2.28
CA ASN A 559 0.78 12.94 -1.00
C ASN A 559 1.83 14.01 -1.17
N ALA A 560 2.28 14.24 -2.38
CA ALA A 560 3.25 15.31 -2.68
C ALA A 560 4.49 15.26 -1.79
N THR A 561 5.03 14.08 -1.52
CA THR A 561 6.25 14.00 -0.70
C THR A 561 6.85 12.62 -0.84
N PRO A 562 8.15 12.43 -0.60
CA PRO A 562 8.74 11.12 -0.58
C PRO A 562 8.14 10.23 0.51
N LEU A 563 7.93 8.96 0.21
CA LEU A 563 7.30 8.07 1.21
C LEU A 563 8.17 7.94 2.45
N SER A 564 9.44 8.32 2.40
CA SER A 564 10.23 8.29 3.62
C SER A 564 9.78 9.32 4.64
N THR A 565 8.95 10.30 4.24
CA THR A 565 8.49 11.33 5.16
C THR A 565 7.06 11.10 5.68
N LEU A 566 6.24 10.27 5.02
CA LEU A 566 4.85 10.06 5.47
C LEU A 566 4.81 9.22 6.74
N SER A 567 3.96 9.59 7.69
CA SER A 567 3.77 8.78 8.88
C SER A 567 3.15 7.44 8.51
N LEU A 568 3.79 6.35 8.94
CA LEU A 568 3.21 5.03 8.66
C LEU A 568 1.84 4.91 9.30
N LYS A 569 1.73 5.29 10.58
CA LYS A 569 0.46 5.09 11.29
C LYS A 569 -0.67 5.95 10.72
N HIS A 570 -0.38 7.18 10.32
CA HIS A 570 -1.43 8.16 10.05
C HIS A 570 -1.54 8.69 8.62
N TRP A 571 -0.61 8.33 7.72
CA TRP A 571 -0.57 8.99 6.40
C TRP A 571 -1.89 8.92 5.66
N ASP A 572 -2.71 7.92 5.93
CA ASP A 572 -3.98 7.77 5.23
C ASP A 572 -5.16 7.98 6.18
N GLN A 573 -4.96 8.73 7.26
CA GLN A 573 -5.98 8.94 8.29
C GLN A 573 -7.25 9.59 7.74
N ASP A 574 -7.22 10.18 6.55
CA ASP A 574 -8.35 10.84 5.96
C ASP A 574 -9.11 9.99 4.93
N ASP A 575 -8.78 8.70 4.77
CA ASP A 575 -9.41 7.90 3.71
C ASP A 575 -10.91 7.70 3.95
N ASP A 576 -11.36 7.60 5.20
CA ASP A 576 -12.78 7.33 5.45
C ASP A 576 -13.70 8.39 4.86
N PHE A 577 -13.19 9.58 4.56
CA PHE A 577 -14.02 10.67 4.09
C PHE A 577 -13.90 10.88 2.58
N GLU A 578 -13.35 9.90 1.86
CA GLU A 578 -13.25 9.98 0.40
C GLU A 578 -14.64 10.26 -0.16
N PHE A 579 -14.71 11.11 -1.18
CA PHE A 579 -16.01 11.29 -1.81
C PHE A 579 -16.31 10.08 -2.72
N THR A 580 -17.53 10.02 -3.25
CA THR A 580 -17.91 8.97 -4.19
C THR A 580 -18.02 9.54 -5.60
N GLY A 581 -17.65 8.73 -6.59
CA GLY A 581 -17.83 9.06 -7.98
C GLY A 581 -16.53 9.25 -8.73
N SER A 582 -16.66 9.44 -10.03
CA SER A 582 -15.48 9.65 -10.84
C SER A 582 -14.79 10.93 -10.42
N HIS A 583 -13.48 10.94 -10.54
CA HIS A 583 -12.73 12.17 -10.51
C HIS A 583 -12.97 12.92 -11.82
N LEU A 584 -12.85 14.23 -11.76
CA LEU A 584 -13.13 15.06 -12.93
C LEU A 584 -12.01 16.07 -13.09
N THR A 585 -12.02 16.76 -14.22
CA THR A 585 -11.08 17.83 -14.45
C THR A 585 -11.91 19.04 -14.82
N VAL A 586 -11.27 20.19 -14.86
CA VAL A 586 -11.93 21.43 -15.19
C VAL A 586 -11.35 21.89 -16.51
N ARG A 587 -12.09 21.67 -17.61
CA ARG A 587 -11.46 21.88 -18.90
C ARG A 587 -11.41 23.35 -19.29
N ASN A 588 -12.13 24.26 -18.61
CA ASN A 588 -11.96 25.69 -18.86
C ASN A 588 -11.06 26.36 -17.83
N GLY A 589 -10.37 25.58 -16.99
CA GLY A 589 -9.42 26.14 -16.04
C GLY A 589 -10.02 26.32 -14.66
N TYR A 590 -9.32 25.85 -13.64
CA TYR A 590 -9.91 25.81 -12.31
C TYR A 590 -9.88 27.18 -11.63
N SER A 591 -9.14 28.14 -12.20
CA SER A 591 -9.17 29.51 -11.69
C SER A 591 -10.55 30.13 -11.83
N CYS A 592 -11.40 29.59 -12.71
CA CYS A 592 -12.71 30.18 -12.90
C CYS A 592 -13.48 30.26 -11.60
N VAL A 593 -13.17 29.36 -10.65
CA VAL A 593 -13.86 29.26 -9.37
C VAL A 593 -13.40 30.36 -8.42
N PRO A 594 -12.11 30.50 -8.10
CA PRO A 594 -11.70 31.66 -7.32
C PRO A 594 -12.18 32.96 -7.92
N VAL A 595 -11.89 33.17 -9.20
CA VAL A 595 -12.29 34.42 -9.85
C VAL A 595 -13.76 34.71 -9.62
N ALA A 596 -14.60 33.67 -9.61
CA ALA A 596 -16.02 33.86 -9.40
C ALA A 596 -16.32 34.23 -7.94
N LEU A 597 -15.68 33.53 -7.01
CA LEU A 597 -15.85 33.85 -5.60
C LEU A 597 -15.41 35.29 -5.28
N ALA A 598 -14.37 35.79 -5.98
CA ALA A 598 -13.80 37.10 -5.67
C ALA A 598 -14.72 38.25 -6.07
N GLU A 599 -15.67 38.00 -6.96
CA GLU A 599 -16.60 39.02 -7.47
C GLU A 599 -17.45 39.54 -6.33
N GLY A 600 -17.27 40.83 -5.99
CA GLY A 600 -18.01 41.47 -4.91
C GLY A 600 -17.20 41.83 -3.69
N LEU A 601 -15.93 41.46 -3.61
CA LEU A 601 -15.17 41.57 -2.38
C LEU A 601 -14.08 42.62 -2.50
N ASP A 602 -13.65 43.12 -1.34
CA ASP A 602 -12.62 44.16 -1.27
C ASP A 602 -11.27 43.46 -1.15
N ILE A 603 -10.56 43.36 -2.27
CA ILE A 603 -9.30 42.62 -2.31
C ILE A 603 -8.21 43.61 -2.68
N LYS A 604 -7.18 43.70 -1.84
CA LYS A 604 -6.01 44.53 -2.13
C LYS A 604 -4.94 43.61 -2.69
N LEU A 605 -4.70 43.68 -4.01
CA LEU A 605 -3.65 42.84 -4.60
C LEU A 605 -2.29 43.50 -4.45
N ASN A 606 -1.25 42.70 -4.63
CA ASN A 606 0.13 43.15 -4.51
C ASN A 606 0.38 43.76 -3.14
N THR A 607 -0.08 43.07 -2.11
CA THR A 607 -0.07 43.60 -0.75
C THR A 607 0.50 42.49 0.13
N ALA A 608 1.77 42.58 0.49
CA ALA A 608 2.36 41.49 1.27
C ALA A 608 2.35 41.79 2.76
N VAL A 609 1.68 40.95 3.52
CA VAL A 609 1.65 41.17 4.98
C VAL A 609 3.03 40.91 5.52
N ARG A 610 3.50 41.76 6.41
CA ARG A 610 4.84 41.57 6.96
C ARG A 610 4.71 41.32 8.44
N GLN A 611 3.65 41.83 9.06
CA GLN A 611 3.53 41.66 10.51
C GLN A 611 2.07 41.63 10.94
N VAL A 612 1.75 40.81 11.92
CA VAL A 612 0.37 40.73 12.46
C VAL A 612 0.45 41.05 13.94
N ARG A 613 -0.24 42.11 14.36
CA ARG A 613 -0.25 42.55 15.74
C ARG A 613 -1.65 42.36 16.30
N TYR A 614 -1.78 41.56 17.37
CA TYR A 614 -3.09 41.27 17.94
C TYR A 614 -3.04 41.54 19.45
N THR A 615 -3.96 42.37 19.93
CA THR A 615 -4.00 42.76 21.34
C THR A 615 -5.41 42.59 21.87
N ALA A 616 -5.56 42.79 23.19
CA ALA A 616 -6.85 42.59 23.83
C ALA A 616 -7.94 43.48 23.26
N SER A 617 -7.58 44.53 22.54
CA SER A 617 -8.56 45.51 22.11
C SER A 617 -8.71 45.59 20.60
N GLY A 618 -7.98 44.78 19.84
CA GLY A 618 -8.05 44.80 18.40
C GLY A 618 -6.71 44.42 17.79
N CYS A 619 -6.64 44.53 16.46
CA CYS A 619 -5.53 43.97 15.72
C CYS A 619 -5.11 44.97 14.68
N GLU A 620 -3.83 44.92 14.33
CA GLU A 620 -3.37 45.75 13.23
C GLU A 620 -2.40 44.91 12.41
N VAL A 621 -2.58 44.93 11.09
CA VAL A 621 -1.79 44.16 10.15
C VAL A 621 -0.93 45.14 9.35
N ILE A 622 0.38 44.91 9.31
CA ILE A 622 1.32 45.77 8.59
C ILE A 622 1.71 45.08 7.30
N ALA A 623 1.35 45.67 6.16
CA ALA A 623 1.68 45.14 4.84
C ALA A 623 2.52 46.14 4.03
N VAL A 624 3.24 45.64 3.04
CA VAL A 624 3.99 46.50 2.08
C VAL A 624 3.46 46.27 0.68
N ASN A 625 4.03 46.96 -0.28
CA ASN A 625 3.64 46.81 -1.69
C ASN A 625 4.65 45.90 -2.36
N THR A 626 4.22 44.86 -3.04
CA THR A 626 5.22 43.96 -3.65
C THR A 626 6.00 44.70 -4.73
N ARG A 627 5.33 45.53 -5.51
CA ARG A 627 6.06 46.24 -6.58
C ARG A 627 7.10 47.17 -5.98
N SER A 628 6.73 48.01 -5.01
CA SER A 628 7.72 48.90 -4.35
C SER A 628 7.61 48.69 -2.85
N THR A 629 8.57 48.01 -2.25
CA THR A 629 8.48 47.63 -0.81
C THR A 629 8.53 48.80 0.14
N SER A 630 9.05 49.96 -0.24
CA SER A 630 9.10 51.06 0.74
C SER A 630 7.69 51.46 1.14
N GLN A 631 6.74 51.49 0.22
CA GLN A 631 5.34 51.89 0.52
C GLN A 631 4.80 50.98 1.62
N THR A 632 4.26 51.52 2.70
CA THR A 632 3.82 50.70 3.83
C THR A 632 2.36 50.99 4.18
N PHE A 633 1.61 49.94 4.55
CA PHE A 633 0.20 50.04 4.88
C PHE A 633 -0.11 49.47 6.27
N ILE A 634 -1.05 50.11 6.96
CA ILE A 634 -1.53 49.69 8.28
C ILE A 634 -3.03 49.44 8.17
N TYR A 635 -3.46 48.26 8.64
CA TYR A 635 -4.88 47.90 8.64
C TYR A 635 -5.31 47.56 10.06
N LYS A 636 -6.31 48.27 10.58
CA LYS A 636 -6.84 48.04 11.92
C LYS A 636 -8.11 47.20 11.80
N CYS A 637 -8.35 46.34 12.79
CA CYS A 637 -9.47 45.42 12.65
C CYS A 637 -9.73 44.72 13.96
N ASP A 638 -10.95 44.16 14.07
CA ASP A 638 -11.35 43.38 15.24
C ASP A 638 -10.79 41.96 15.24
N ALA A 639 -10.57 41.38 14.05
CA ALA A 639 -10.07 40.02 13.95
C ALA A 639 -9.31 39.84 12.64
N VAL A 640 -8.24 39.05 12.71
CA VAL A 640 -7.50 38.62 11.53
C VAL A 640 -7.80 37.14 11.26
N LEU A 641 -8.17 36.84 10.01
CA LEU A 641 -8.22 35.47 9.53
C LEU A 641 -6.97 35.22 8.70
N CYS A 642 -6.09 34.37 9.22
CA CYS A 642 -4.86 33.99 8.55
C CYS A 642 -5.08 32.75 7.68
N THR A 643 -4.89 32.86 6.35
CA THR A 643 -4.88 31.67 5.49
C THR A 643 -3.52 31.50 4.82
N LEU A 644 -2.47 31.94 5.49
CA LEU A 644 -1.12 31.75 4.97
C LEU A 644 -0.84 30.27 4.76
N PRO A 645 -0.36 29.88 3.58
CA PRO A 645 0.05 28.49 3.38
C PRO A 645 1.00 27.99 4.46
N LEU A 646 0.87 26.70 4.79
CA LEU A 646 1.70 26.13 5.84
C LEU A 646 3.19 26.34 5.55
N GLY A 647 3.58 26.31 4.27
CA GLY A 647 4.98 26.53 3.93
C GLY A 647 5.46 27.92 4.27
N VAL A 648 4.59 28.91 4.09
CA VAL A 648 4.90 30.28 4.52
C VAL A 648 5.04 30.33 6.04
N LEU A 649 4.07 29.74 6.75
CA LEU A 649 4.15 29.72 8.21
C LEU A 649 5.41 29.04 8.71
N LYS A 650 5.99 28.15 7.91
CA LYS A 650 7.15 27.36 8.32
C LYS A 650 8.45 28.13 8.12
N GLN A 651 8.40 29.18 7.30
CA GLN A 651 9.59 29.83 6.78
C GLN A 651 10.49 30.34 7.91
N GLN A 652 11.77 29.94 7.87
CA GLN A 652 12.81 30.48 8.73
C GLN A 652 13.88 31.16 7.88
N PRO A 653 14.16 32.46 8.07
CA PRO A 653 13.49 33.30 9.08
C PRO A 653 12.15 33.83 8.57
N PRO A 654 11.27 34.21 9.51
CA PRO A 654 9.86 34.45 9.17
C PRO A 654 9.67 35.42 8.03
N ALA A 655 8.71 35.12 7.16
CA ALA A 655 8.24 36.09 6.19
C ALA A 655 7.22 37.01 6.81
N VAL A 656 6.53 36.51 7.84
CA VAL A 656 5.47 37.22 8.55
C VAL A 656 5.71 37.05 10.04
N GLN A 657 5.77 38.15 10.76
CA GLN A 657 6.07 38.15 12.17
C GLN A 657 4.76 38.33 12.96
N PHE A 658 4.59 37.53 14.00
CA PHE A 658 3.37 37.70 14.82
C PHE A 658 3.73 38.44 16.08
N VAL A 659 2.95 39.47 16.41
CA VAL A 659 3.18 40.25 17.64
C VAL A 659 1.93 40.14 18.51
N PRO A 660 1.95 39.48 19.68
CA PRO A 660 3.09 38.73 20.17
C PRO A 660 3.28 37.40 19.46
N PRO A 661 4.38 36.69 19.67
CA PRO A 661 4.67 35.51 18.92
C PRO A 661 3.63 34.42 19.18
N LEU A 662 3.39 33.58 18.19
CA LEU A 662 2.41 32.50 18.36
C LEU A 662 2.89 31.58 19.46
N PRO A 663 2.01 30.99 20.27
CA PRO A 663 2.45 30.17 21.35
C PRO A 663 3.09 28.87 20.89
N GLU A 664 3.82 28.24 21.79
CA GLU A 664 4.55 27.00 21.49
C GLU A 664 3.60 25.92 20.98
N TRP A 665 2.42 25.78 21.55
CA TRP A 665 1.51 24.73 21.05
C TRP A 665 1.22 24.90 19.57
N LYS A 666 1.08 26.14 19.08
CA LYS A 666 0.86 26.37 17.65
C LYS A 666 2.15 26.20 16.82
N THR A 667 3.27 26.77 17.28
CA THR A 667 4.49 26.71 16.47
C THR A 667 5.02 25.29 16.35
N SER A 668 4.74 24.43 17.33
CA SER A 668 5.19 23.03 17.26
C SER A 668 4.35 22.24 16.28
N ALA A 669 3.04 22.45 16.27
CA ALA A 669 2.25 21.88 15.19
C ALA A 669 2.78 22.34 13.83
N VAL A 670 3.34 23.54 13.75
CA VAL A 670 3.81 24.01 12.45
C VAL A 670 5.11 23.30 12.04
N GLN A 671 6.00 23.04 13.00
CA GLN A 671 7.18 22.24 12.66
C GLN A 671 6.78 20.80 12.35
N ARG A 672 5.98 20.19 13.21
CA ARG A 672 5.68 18.77 13.08
C ARG A 672 5.03 18.45 11.75
N MET A 673 4.16 19.32 11.25
CA MET A 673 3.46 18.93 10.04
C MET A 673 4.41 18.88 8.85
N GLY A 674 3.91 18.24 7.79
CA GLY A 674 4.63 18.15 6.55
C GLY A 674 4.00 19.12 5.52
N PHE A 675 4.88 19.77 4.78
CA PHE A 675 4.41 20.55 3.64
C PHE A 675 5.19 20.06 2.44
N GLY A 676 4.49 19.38 1.55
CA GLY A 676 5.11 18.72 0.42
C GLY A 676 5.30 19.60 -0.78
N ASN A 677 5.51 18.95 -1.91
CA ASN A 677 5.97 19.59 -3.14
C ASN A 677 5.68 18.66 -4.31
N LEU A 678 5.08 19.21 -5.38
CA LEU A 678 5.03 18.54 -6.67
C LEU A 678 4.86 19.64 -7.70
N ASN A 679 5.42 19.42 -8.89
CA ASN A 679 5.44 20.44 -9.94
C ASN A 679 4.91 19.89 -11.25
N LYS A 680 4.60 20.79 -12.17
CA LYS A 680 4.00 20.43 -13.44
C LYS A 680 4.79 21.04 -14.57
N VAL A 681 4.89 20.32 -15.68
CA VAL A 681 5.37 20.90 -16.93
C VAL A 681 4.21 20.88 -17.91
N VAL A 682 3.82 22.06 -18.39
CA VAL A 682 2.76 22.20 -19.36
C VAL A 682 3.39 22.24 -20.75
N LEU A 683 2.96 21.32 -21.62
CA LEU A 683 3.48 21.20 -22.98
C LEU A 683 2.39 21.55 -23.97
N CYS A 684 2.65 22.56 -24.79
CA CYS A 684 1.68 23.16 -25.69
C CYS A 684 2.09 22.91 -27.14
N PHE A 685 1.23 22.22 -27.89
CA PHE A 685 1.61 21.72 -29.20
C PHE A 685 0.69 22.25 -30.29
N ASP A 686 1.12 22.05 -31.54
CA ASP A 686 0.31 22.35 -32.70
C ASP A 686 -0.42 21.13 -33.27
N ARG A 687 -0.41 19.99 -32.58
CA ARG A 687 -1.22 18.85 -33.03
C ARG A 687 -1.26 17.77 -31.97
N VAL A 688 -2.40 17.09 -31.88
CA VAL A 688 -2.49 15.91 -31.05
C VAL A 688 -1.66 14.80 -31.71
N PHE A 689 -0.81 14.14 -30.92
CA PHE A 689 -0.05 13.02 -31.45
C PHE A 689 -0.04 11.85 -30.48
N TRP A 690 -0.90 11.88 -29.48
CA TRP A 690 -1.04 10.83 -28.50
C TRP A 690 -2.41 10.19 -28.68
N ASP A 691 -2.64 9.11 -27.97
CA ASP A 691 -3.95 8.50 -28.05
C ASP A 691 -4.99 9.46 -27.47
N PRO A 692 -5.92 10.00 -28.27
CA PRO A 692 -6.88 10.97 -27.72
C PRO A 692 -7.89 10.38 -26.78
N SER A 693 -8.10 9.07 -26.80
CA SER A 693 -9.08 8.42 -25.94
C SER A 693 -8.49 7.99 -24.60
N VAL A 694 -7.21 8.31 -24.37
CA VAL A 694 -6.58 8.05 -23.08
C VAL A 694 -6.30 9.41 -22.43
N ASN A 695 -6.73 9.58 -21.16
CA ASN A 695 -6.49 10.85 -20.50
C ASN A 695 -5.10 10.94 -19.90
N LEU A 696 -4.52 9.81 -19.49
CA LEU A 696 -3.27 9.81 -18.74
C LEU A 696 -2.43 8.59 -19.06
N PHE A 697 -1.11 8.77 -19.10
CA PHE A 697 -0.22 7.66 -19.38
C PHE A 697 1.14 7.88 -18.74
N GLY A 698 1.78 6.78 -18.37
CA GLY A 698 2.94 6.82 -17.50
C GLY A 698 4.25 6.66 -18.27
N HIS A 699 5.33 6.89 -17.54
CA HIS A 699 6.68 6.71 -18.05
C HIS A 699 7.50 6.10 -16.93
N VAL A 700 8.01 4.89 -17.13
CA VAL A 700 8.70 4.21 -16.06
C VAL A 700 10.15 4.70 -16.03
N GLY A 701 10.66 4.90 -14.82
CA GLY A 701 11.95 5.53 -14.66
C GLY A 701 13.05 4.51 -14.70
N SER A 702 14.28 5.02 -14.83
CA SER A 702 15.45 4.16 -14.91
C SER A 702 15.91 3.70 -13.54
N THR A 703 15.81 4.57 -12.56
CA THR A 703 16.30 4.31 -11.22
C THR A 703 15.18 4.55 -10.23
N THR A 704 15.38 4.02 -9.02
CA THR A 704 14.51 4.41 -7.91
C THR A 704 14.59 5.92 -7.67
N ALA A 705 15.80 6.47 -7.65
CA ALA A 705 16.01 7.87 -7.29
C ALA A 705 15.28 8.84 -8.20
N SER A 706 14.92 8.44 -9.42
CA SER A 706 14.19 9.35 -10.30
C SER A 706 12.80 8.81 -10.66
N ARG A 707 12.23 7.99 -9.76
CA ARG A 707 10.93 7.40 -10.06
C ARG A 707 9.87 8.47 -10.28
N GLY A 708 10.04 9.64 -9.66
CA GLY A 708 9.13 10.76 -9.81
C GLY A 708 9.41 11.72 -10.95
N GLU A 709 10.54 11.59 -11.66
CA GLU A 709 10.98 12.54 -12.68
C GLU A 709 10.19 12.32 -13.98
N LEU A 710 9.17 13.15 -14.18
CA LEU A 710 8.39 13.16 -15.41
C LEU A 710 7.66 11.83 -15.60
N PHE A 711 7.13 11.27 -14.52
CA PHE A 711 6.58 9.93 -14.52
C PHE A 711 5.16 9.83 -15.10
N LEU A 712 4.45 10.93 -15.31
CA LEU A 712 3.06 10.78 -15.71
C LEU A 712 2.67 11.95 -16.62
N PHE A 713 1.74 11.71 -17.55
CA PHE A 713 1.34 12.73 -18.52
C PHE A 713 -0.17 12.79 -18.60
N TRP A 714 -0.73 14.00 -18.73
CA TRP A 714 -2.18 14.17 -18.77
C TRP A 714 -2.63 14.82 -20.07
N ASN A 715 -3.63 14.19 -20.70
CA ASN A 715 -4.40 14.68 -21.83
C ASN A 715 -5.74 15.15 -21.29
N LEU A 716 -5.82 16.39 -20.84
CA LEU A 716 -7.01 16.81 -20.13
C LEU A 716 -7.86 17.83 -20.86
N TYR A 717 -7.28 18.52 -21.84
CA TYR A 717 -7.87 19.76 -22.33
C TYR A 717 -8.35 19.59 -23.76
N LYS A 718 -9.14 20.59 -24.18
CA LYS A 718 -9.64 20.64 -25.54
C LYS A 718 -8.51 20.85 -26.53
N ALA A 719 -7.74 21.92 -26.35
CA ALA A 719 -6.53 22.17 -27.14
C ALA A 719 -5.52 21.02 -27.00
N PRO A 720 -4.48 21.00 -27.84
CA PRO A 720 -3.41 19.99 -27.69
C PRO A 720 -2.39 20.34 -26.61
N ILE A 721 -2.73 20.03 -25.37
CA ILE A 721 -1.82 20.26 -24.25
C ILE A 721 -1.61 18.93 -23.55
N LEU A 722 -0.36 18.55 -23.44
CA LEU A 722 0.07 17.49 -22.54
C LEU A 722 0.62 18.13 -21.27
N LEU A 723 0.49 17.42 -20.16
CA LEU A 723 0.86 17.98 -18.88
C LEU A 723 1.60 16.90 -18.11
N ALA A 724 2.78 17.23 -17.57
CA ALA A 724 3.72 16.23 -17.08
C ALA A 724 4.07 16.49 -15.61
N LEU A 725 3.87 15.47 -14.77
CA LEU A 725 4.07 15.59 -13.34
C LEU A 725 5.52 15.37 -12.94
N VAL A 726 5.96 16.02 -11.86
CA VAL A 726 7.27 15.80 -11.25
C VAL A 726 7.05 15.58 -9.75
N ALA A 727 7.03 14.32 -9.31
CA ALA A 727 6.71 13.95 -7.94
C ALA A 727 7.96 13.57 -7.15
N GLY A 728 7.74 13.15 -5.90
CA GLY A 728 8.75 12.54 -5.07
C GLY A 728 9.94 13.44 -4.85
N GLU A 729 11.10 12.81 -4.63
CA GLU A 729 12.36 13.55 -4.51
C GLU A 729 12.71 14.30 -5.79
N ALA A 730 12.12 13.91 -6.92
CA ALA A 730 12.39 14.62 -8.16
C ALA A 730 11.91 16.07 -8.09
N ALA A 731 10.75 16.31 -7.47
CA ALA A 731 10.17 17.65 -7.45
C ALA A 731 11.14 18.69 -6.91
N GLY A 732 11.72 18.42 -5.74
CA GLY A 732 12.63 19.36 -5.13
C GLY A 732 13.86 19.65 -5.97
N ILE A 733 14.31 18.66 -6.74
CA ILE A 733 15.57 18.75 -7.49
C ILE A 733 15.35 19.35 -8.87
N MET A 734 14.28 18.97 -9.57
CA MET A 734 14.00 19.60 -10.85
C MET A 734 13.82 21.12 -10.76
N GLU A 735 13.67 21.68 -9.56
CA GLU A 735 13.46 23.13 -9.49
C GLU A 735 14.75 23.91 -9.75
N ASN A 736 15.91 23.25 -9.66
CA ASN A 736 17.21 23.82 -9.93
C ASN A 736 17.67 23.64 -11.37
N ILE A 737 16.81 23.21 -12.27
CA ILE A 737 17.17 22.94 -13.65
C ILE A 737 16.33 23.81 -14.55
N SER A 738 16.97 24.41 -15.57
CA SER A 738 16.31 25.37 -16.44
C SER A 738 15.12 24.74 -17.18
N ASP A 739 14.24 25.60 -17.69
CA ASP A 739 13.03 25.14 -18.38
C ASP A 739 13.37 24.29 -19.60
N ASP A 740 14.37 24.71 -20.38
CA ASP A 740 14.68 24.00 -21.62
C ASP A 740 15.25 22.62 -21.34
N VAL A 741 16.17 22.50 -20.38
CA VAL A 741 16.60 21.17 -19.98
C VAL A 741 15.40 20.31 -19.58
N ILE A 742 14.42 20.90 -18.89
CA ILE A 742 13.26 20.12 -18.45
C ILE A 742 12.37 19.76 -19.64
N VAL A 743 12.07 20.74 -20.49
CA VAL A 743 11.26 20.45 -21.66
C VAL A 743 11.97 19.45 -22.57
N GLY A 744 13.30 19.53 -22.67
CA GLY A 744 14.04 18.57 -23.47
C GLY A 744 13.85 17.13 -23.01
N ARG A 745 13.95 16.93 -21.71
CA ARG A 745 13.77 15.56 -21.21
C ARG A 745 12.33 15.14 -21.50
N CYS A 746 11.39 16.07 -21.48
CA CYS A 746 10.01 15.64 -21.76
C CYS A 746 9.92 15.18 -23.20
N LEU A 747 10.54 15.95 -24.09
CA LEU A 747 10.48 15.64 -25.54
C LEU A 747 11.16 14.31 -25.78
N ALA A 748 12.26 14.05 -25.11
CA ALA A 748 12.93 12.77 -25.32
C ALA A 748 11.96 11.67 -24.92
N ILE A 749 11.32 11.79 -23.76
CA ILE A 749 10.40 10.72 -23.31
C ILE A 749 9.27 10.60 -24.30
N LEU A 750 8.72 11.73 -24.71
CA LEU A 750 7.61 11.65 -25.68
C LEU A 750 8.12 11.07 -26.99
N LYS A 751 9.31 11.44 -27.42
CA LYS A 751 9.82 10.87 -28.70
C LYS A 751 9.92 9.36 -28.54
N GLY A 752 10.44 8.88 -27.43
CA GLY A 752 10.52 7.43 -27.22
C GLY A 752 9.18 6.77 -27.35
N ILE A 753 8.14 7.31 -26.74
CA ILE A 753 6.82 6.63 -26.88
C ILE A 753 6.26 6.75 -28.29
N PHE A 754 6.37 7.90 -28.95
CA PHE A 754 5.66 7.96 -30.25
C PHE A 754 6.56 8.12 -31.47
N GLY A 755 7.87 8.06 -31.33
CA GLY A 755 8.75 8.19 -32.49
C GLY A 755 9.21 9.61 -32.67
N SER A 756 10.45 9.81 -33.11
CA SER A 756 11.00 11.17 -33.24
C SER A 756 10.23 12.01 -34.25
N SER A 757 9.74 11.42 -35.32
CA SER A 757 9.00 12.23 -36.32
C SER A 757 7.71 12.80 -35.74
N ALA A 758 7.00 12.03 -34.94
CA ALA A 758 5.66 12.43 -34.44
C ALA A 758 5.64 13.66 -33.54
N VAL A 759 6.65 13.83 -32.68
CA VAL A 759 6.65 14.92 -31.65
C VAL A 759 7.32 16.19 -32.14
N PRO A 760 6.57 17.27 -32.41
CA PRO A 760 7.11 18.53 -32.87
C PRO A 760 7.58 19.39 -31.69
N GLN A 761 8.30 20.46 -31.95
CA GLN A 761 8.69 21.34 -30.81
C GLN A 761 7.41 21.97 -30.27
N PRO A 762 7.27 22.12 -28.94
CA PRO A 762 6.08 22.73 -28.37
C PRO A 762 6.01 24.22 -28.67
N LYS A 763 4.81 24.73 -28.87
CA LYS A 763 4.66 26.15 -29.17
C LYS A 763 4.84 27.00 -27.91
N GLU A 764 4.31 26.53 -26.78
CA GLU A 764 4.40 27.21 -25.49
C GLU A 764 4.76 26.20 -24.39
N THR A 765 5.60 26.62 -23.44
CA THR A 765 5.96 25.79 -22.30
C THR A 765 5.99 26.59 -21.01
N VAL A 766 5.49 25.98 -19.92
CA VAL A 766 5.45 26.53 -18.58
C VAL A 766 5.88 25.44 -17.60
N VAL A 767 6.78 25.79 -16.66
CA VAL A 767 7.23 24.86 -15.62
C VAL A 767 7.02 25.50 -14.25
N SER A 768 6.20 24.86 -13.40
CA SER A 768 5.97 25.39 -12.06
C SER A 768 7.17 25.13 -11.14
N ARG A 769 7.25 25.92 -10.10
CA ARG A 769 8.31 25.79 -9.07
C ARG A 769 7.69 26.24 -7.76
N TRP A 770 6.80 25.43 -7.22
CA TRP A 770 6.01 25.73 -6.01
C TRP A 770 6.85 25.90 -4.76
N ARG A 771 7.90 25.13 -4.59
CA ARG A 771 8.72 25.33 -3.38
C ARG A 771 9.44 26.68 -3.42
N ALA A 772 9.83 27.10 -4.61
CA ALA A 772 10.52 28.39 -4.81
C ALA A 772 9.53 29.53 -4.64
N ASP A 773 8.29 29.33 -5.06
CA ASP A 773 7.28 30.38 -4.92
C ASP A 773 7.24 30.91 -3.49
N PRO A 774 7.48 32.20 -3.26
CA PRO A 774 7.51 32.72 -1.89
C PRO A 774 6.14 32.91 -1.23
N TRP A 775 5.03 32.70 -1.94
CA TRP A 775 3.68 32.74 -1.36
C TRP A 775 3.08 31.34 -1.22
N ALA A 776 3.90 30.31 -1.44
CA ALA A 776 3.49 28.93 -1.25
C ALA A 776 4.55 28.23 -0.43
N ARG A 777 5.79 28.21 -0.92
CA ARG A 777 6.90 27.50 -0.27
C ARG A 777 6.63 26.01 -0.24
N GLY A 778 5.83 25.54 -1.20
CA GLY A 778 5.41 24.15 -1.30
C GLY A 778 4.10 24.05 -2.05
N SER A 779 3.58 22.83 -2.13
CA SER A 779 2.36 22.56 -2.89
C SER A 779 1.16 22.25 -2.00
N TYR A 780 1.30 21.31 -1.07
CA TYR A 780 0.23 21.05 -0.12
C TYR A 780 0.78 20.17 0.99
N SER A 781 -0.01 19.98 2.01
CA SER A 781 0.42 19.45 3.30
C SER A 781 0.22 17.94 3.32
N TYR A 782 0.90 17.26 4.26
CA TYR A 782 0.88 15.81 4.32
C TYR A 782 1.14 15.41 5.75
N VAL A 783 0.68 14.24 6.17
CA VAL A 783 0.87 13.84 7.57
C VAL A 783 2.30 13.31 7.69
N ALA A 784 3.18 14.12 8.27
CA ALA A 784 4.59 13.74 8.41
C ALA A 784 4.75 12.67 9.47
N ALA A 785 5.76 11.84 9.31
CA ALA A 785 6.09 10.91 10.37
C ALA A 785 6.36 11.69 11.65
N GLY A 786 5.74 11.27 12.75
CA GLY A 786 5.81 12.00 14.00
C GLY A 786 4.74 13.04 14.19
N SER A 787 3.89 13.24 13.19
CA SER A 787 2.74 14.12 13.25
C SER A 787 1.49 13.24 13.27
N SER A 788 0.32 13.88 13.26
CA SER A 788 -0.94 13.15 13.26
C SER A 788 -2.03 14.08 12.80
N GLY A 789 -3.21 13.52 12.52
CA GLY A 789 -4.30 14.37 12.12
C GLY A 789 -4.71 15.33 13.21
N ASN A 790 -4.21 15.11 14.41
CA ASN A 790 -4.59 15.97 15.51
C ASN A 790 -3.72 17.23 15.57
N ASP A 791 -2.60 17.27 14.85
CA ASP A 791 -1.96 18.55 14.58
C ASP A 791 -2.83 19.44 13.71
N TYR A 792 -3.61 18.84 12.81
CA TYR A 792 -4.45 19.66 11.96
C TYR A 792 -5.51 20.40 12.79
N ASP A 793 -5.88 19.87 13.95
CA ASP A 793 -6.84 20.55 14.80
C ASP A 793 -6.18 21.68 15.58
N LEU A 794 -4.96 21.44 16.04
CA LEU A 794 -4.14 22.52 16.60
C LEU A 794 -3.99 23.66 15.59
N MET A 795 -3.67 23.37 14.33
CA MET A 795 -3.63 24.48 13.38
C MET A 795 -4.88 25.31 13.34
N ALA A 796 -6.02 24.79 13.75
CA ALA A 796 -7.23 25.54 13.51
C ALA A 796 -7.71 26.31 14.73
N GLN A 797 -7.15 26.05 15.91
CA GLN A 797 -7.61 26.76 17.10
C GLN A 797 -7.21 28.23 17.00
N PRO A 798 -8.15 29.17 17.17
CA PRO A 798 -7.79 30.59 17.14
C PRO A 798 -6.92 30.98 18.33
N ILE A 799 -6.24 32.14 18.21
CA ILE A 799 -5.38 32.68 19.26
C ILE A 799 -6.08 33.81 20.03
N THR A 800 -6.02 33.73 21.34
CA THR A 800 -6.62 34.75 22.22
C THR A 800 -5.47 35.45 22.92
N PRO A 801 -5.30 36.77 22.73
CA PRO A 801 -4.21 37.49 23.32
C PRO A 801 -4.43 37.74 24.82
N GLY A 802 -3.36 38.08 25.53
CA GLY A 802 -3.43 38.37 26.97
C GLY A 802 -4.06 39.72 27.24
N PRO A 803 -4.48 40.01 28.46
CA PRO A 803 -5.13 41.28 28.74
C PRO A 803 -4.15 42.45 28.66
N SER A 804 -4.64 43.60 28.18
CA SER A 804 -3.85 44.85 28.06
C SER A 804 -3.45 45.33 29.43
N ILE A 805 -4.42 45.34 30.34
CA ILE A 805 -4.20 45.82 31.73
C ILE A 805 -4.22 44.58 32.60
N PRO A 806 -3.25 44.35 33.50
CA PRO A 806 -3.30 43.17 34.33
C PRO A 806 -4.55 43.23 35.21
N GLY A 807 -5.22 42.11 35.35
CA GLY A 807 -6.46 42.03 36.14
C GLY A 807 -7.68 42.32 35.29
N ALA A 808 -7.49 42.60 34.02
CA ALA A 808 -8.68 42.81 33.18
C ALA A 808 -9.23 41.45 32.83
N PRO A 809 -10.52 41.32 32.50
CA PRO A 809 -11.09 40.04 32.21
C PRO A 809 -10.51 39.46 30.93
N GLN A 810 -10.46 38.14 30.85
CA GLN A 810 -9.88 37.43 29.69
C GLN A 810 -10.58 37.87 28.42
N PRO A 811 -9.83 38.21 27.37
CA PRO A 811 -10.41 38.67 26.15
C PRO A 811 -10.95 37.60 25.22
N ILE A 812 -11.52 38.11 24.14
CA ILE A 812 -12.10 37.44 22.96
C ILE A 812 -10.95 36.91 22.11
N PRO A 813 -11.12 35.87 21.28
CA PRO A 813 -10.06 35.43 20.42
C PRO A 813 -9.92 36.45 19.28
N ARG A 814 -8.72 36.66 18.76
CA ARG A 814 -8.56 37.70 17.73
C ARG A 814 -7.88 37.17 16.48
N LEU A 815 -7.18 36.05 16.57
CA LEU A 815 -6.42 35.54 15.42
C LEU A 815 -6.99 34.19 15.03
N PHE A 816 -7.57 34.10 13.83
CA PHE A 816 -8.19 32.88 13.32
C PHE A 816 -7.43 32.31 12.11
N PHE A 817 -7.41 30.99 12.00
CA PHE A 817 -6.65 30.29 10.97
C PHE A 817 -7.55 29.45 10.09
N ALA A 818 -7.30 29.50 8.80
CA ALA A 818 -8.03 28.66 7.84
C ALA A 818 -7.07 28.18 6.76
N GLY A 819 -7.59 27.45 5.79
CA GLY A 819 -6.71 26.97 4.71
C GLY A 819 -6.61 25.47 4.69
N GLU A 820 -6.01 24.93 3.66
CA GLU A 820 -5.88 23.47 3.46
C GLU A 820 -5.26 22.74 4.66
N HIS A 821 -4.34 23.32 5.40
CA HIS A 821 -3.70 22.57 6.51
C HIS A 821 -4.46 22.73 7.83
N THR A 822 -5.72 23.14 7.82
CA THR A 822 -6.42 23.33 9.10
C THR A 822 -7.66 22.46 9.17
N ILE A 823 -7.87 21.60 8.18
CA ILE A 823 -9.10 20.83 8.18
C ILE A 823 -8.70 19.34 8.19
N ARG A 824 -8.82 18.71 9.36
CA ARG A 824 -8.38 17.33 9.61
C ARG A 824 -8.95 16.33 8.60
N ASN A 825 -10.26 16.40 8.35
CA ASN A 825 -10.83 15.36 7.53
C ASN A 825 -10.73 15.61 6.03
N TYR A 826 -10.24 16.80 5.58
CA TYR A 826 -10.11 16.98 4.14
C TYR A 826 -8.87 17.80 3.81
N PRO A 827 -7.69 17.47 4.33
CA PRO A 827 -6.51 18.29 4.06
C PRO A 827 -6.13 18.28 2.60
N ALA A 828 -5.26 19.23 2.26
CA ALA A 828 -4.51 19.26 1.01
C ALA A 828 -5.41 19.25 -0.23
N THR A 829 -6.62 19.78 -0.13
CA THR A 829 -7.48 19.84 -1.30
C THR A 829 -8.07 21.22 -1.45
N VAL A 830 -8.74 21.46 -2.57
CA VAL A 830 -9.51 22.69 -2.71
C VAL A 830 -10.76 22.60 -1.86
N HIS A 831 -11.49 21.50 -1.96
CA HIS A 831 -12.70 21.40 -1.17
C HIS A 831 -12.38 21.53 0.31
N GLY A 832 -11.22 21.05 0.75
CA GLY A 832 -10.88 21.17 2.16
C GLY A 832 -10.58 22.59 2.56
N ALA A 833 -9.84 23.31 1.71
CA ALA A 833 -9.62 24.74 1.90
C ALA A 833 -10.95 25.46 2.02
N LEU A 834 -11.83 25.26 1.03
CA LEU A 834 -13.11 25.94 1.03
C LEU A 834 -13.90 25.64 2.29
N LEU A 835 -13.94 24.37 2.67
CA LEU A 835 -14.68 24.00 3.87
C LEU A 835 -14.13 24.73 5.09
N SER A 836 -12.82 25.00 5.11
CA SER A 836 -12.27 25.62 6.32
C SER A 836 -12.59 27.12 6.34
N GLY A 837 -12.65 27.73 5.16
CA GLY A 837 -13.10 29.11 5.09
C GLY A 837 -14.53 29.26 5.58
N LEU A 838 -15.42 28.36 5.15
CA LEU A 838 -16.77 28.37 5.67
C LEU A 838 -16.75 28.21 7.18
N ARG A 839 -15.81 27.40 7.68
CA ARG A 839 -15.79 27.08 9.10
C ARG A 839 -15.35 28.28 9.93
N GLU A 840 -14.26 28.96 9.55
CA GLU A 840 -13.85 30.11 10.36
C GLU A 840 -14.88 31.22 10.30
N ALA A 841 -15.45 31.50 9.12
CA ALA A 841 -16.47 32.53 9.02
C ALA A 841 -17.63 32.26 9.99
N GLY A 842 -18.00 31.00 10.13
CA GLY A 842 -18.96 30.65 11.16
C GLY A 842 -18.48 31.06 12.54
N ARG A 843 -17.25 30.67 12.92
CA ARG A 843 -16.91 30.87 14.31
C ARG A 843 -16.51 32.29 14.59
N ILE A 844 -16.12 33.04 13.56
CA ILE A 844 -15.87 34.47 13.71
C ILE A 844 -17.19 35.21 13.89
N ALA A 845 -18.20 34.89 13.06
CA ALA A 845 -19.51 35.51 13.22
C ALA A 845 -20.14 35.14 14.55
N ASP A 846 -20.06 33.86 14.93
CA ASP A 846 -20.52 33.44 16.24
C ASP A 846 -19.93 34.30 17.34
N GLN A 847 -18.72 34.80 17.12
CA GLN A 847 -17.95 35.47 18.15
C GLN A 847 -18.25 36.96 18.21
N PHE A 848 -18.43 37.60 17.06
CA PHE A 848 -18.55 39.03 16.96
C PHE A 848 -19.95 39.52 16.64
N LEU A 849 -20.85 38.62 16.27
CA LEU A 849 -22.25 38.97 16.13
C LEU A 849 -23.13 38.15 17.04
N GLY A 850 -22.55 37.24 17.83
CA GLY A 850 -23.30 36.35 18.69
C GLY A 850 -24.18 35.43 17.88
N ALA A 851 -24.66 34.37 18.51
CA ALA A 851 -25.42 33.34 17.81
C ALA A 851 -26.75 33.18 18.51
N MET A 852 -27.83 33.66 17.89
CA MET A 852 -29.10 33.62 18.60
C MET A 852 -29.69 32.22 18.66
N TYR A 853 -29.20 31.29 17.83
CA TYR A 853 -29.74 29.94 17.63
C TYR A 853 -29.30 28.92 18.69
N THR A 854 -28.71 29.36 19.81
CA THR A 854 -28.32 28.44 20.87
C THR A 854 -29.26 28.47 22.07
N LEU A 855 -30.28 29.34 22.08
CA LEU A 855 -31.24 29.43 23.18
C LEU A 855 -32.37 28.40 23.04
N ARG B 12 -6.65 -9.42 11.63
CA ARG B 12 -6.03 -10.50 12.39
C ARG B 12 -4.76 -11.04 11.66
N LYS B 13 -4.81 -11.12 10.33
CA LYS B 13 -3.79 -11.83 9.58
C LYS B 13 -3.35 -11.03 8.34
N PRO B 14 -2.09 -11.21 7.91
CA PRO B 14 -1.57 -10.47 6.73
C PRO B 14 -2.36 -10.81 5.48
N PRO B 15 -2.14 -10.11 4.37
CA PRO B 15 -2.56 -10.66 3.09
C PRO B 15 -1.85 -11.99 2.90
N LYS B 16 -2.37 -12.82 2.00
CA LYS B 16 -1.84 -14.16 1.87
C LYS B 16 -0.55 -14.13 1.03
N GLY B 17 0.41 -14.97 1.41
CA GLY B 17 1.71 -15.00 0.77
C GLY B 17 2.73 -14.03 1.35
N MET B 18 2.25 -12.88 1.85
CA MET B 18 3.09 -12.00 2.67
C MET B 18 3.50 -12.73 3.93
N PHE B 19 4.77 -12.63 4.31
CA PHE B 19 5.30 -13.35 5.44
C PHE B 19 5.84 -12.37 6.45
N LEU B 20 5.13 -12.24 7.58
CA LEU B 20 5.38 -11.13 8.46
C LEU B 20 5.19 -11.68 9.87
N SER B 21 6.24 -12.24 10.44
CA SER B 21 6.17 -12.70 11.82
C SER B 21 6.85 -11.68 12.71
N GLN B 22 6.40 -11.62 13.97
CA GLN B 22 7.06 -10.71 14.90
C GLN B 22 8.55 -11.02 14.94
N GLU B 23 8.92 -12.30 15.16
CA GLU B 23 10.33 -12.69 15.24
C GLU B 23 11.14 -12.22 14.03
N ASP B 24 10.49 -12.11 12.87
CA ASP B 24 11.24 -11.76 11.67
C ASP B 24 11.54 -10.26 11.62
N VAL B 25 10.61 -9.42 12.09
CA VAL B 25 10.74 -7.98 11.88
C VAL B 25 11.82 -7.37 12.79
N GLU B 26 11.94 -7.83 14.05
CA GLU B 26 13.15 -7.50 14.81
C GLU B 26 14.39 -7.76 13.99
N ALA B 27 14.54 -8.99 13.51
CA ALA B 27 15.80 -9.46 12.99
C ALA B 27 16.27 -8.66 11.79
N VAL B 28 15.36 -7.94 11.13
CA VAL B 28 15.72 -7.17 9.95
C VAL B 28 15.88 -5.69 10.29
N SER B 29 15.47 -5.27 11.50
CA SER B 29 15.54 -3.89 11.95
C SER B 29 16.63 -3.63 12.98
N ALA B 30 17.13 -4.68 13.64
CA ALA B 30 18.05 -4.58 14.78
C ALA B 30 19.16 -3.55 14.58
N ASN B 31 19.63 -3.39 13.35
CA ASN B 31 20.60 -2.32 13.05
C ASN B 31 20.44 -1.92 11.59
N ALA B 32 21.37 -1.09 11.11
CA ALA B 32 21.22 -0.46 9.80
C ALA B 32 21.25 -1.50 8.69
N THR B 33 22.32 -2.29 8.61
CA THR B 33 22.46 -3.32 7.57
C THR B 33 22.04 -4.71 8.05
N ALA B 34 21.44 -4.82 9.25
CA ALA B 34 20.89 -6.10 9.70
C ALA B 34 19.93 -6.72 8.69
N ALA B 35 19.40 -5.92 7.77
CA ALA B 35 18.69 -6.46 6.63
C ALA B 35 19.63 -7.16 5.68
N THR B 36 20.65 -6.45 5.21
CA THR B 36 21.56 -7.02 4.22
C THR B 36 22.35 -8.20 4.76
N THR B 37 22.66 -8.21 6.07
CA THR B 37 23.40 -9.33 6.63
C THR B 37 22.63 -10.63 6.44
N VAL B 38 21.38 -10.68 6.93
CA VAL B 38 20.69 -11.96 7.10
C VAL B 38 20.20 -12.50 5.75
N LEU B 39 20.07 -11.64 4.75
CA LEU B 39 19.88 -12.05 3.37
C LEU B 39 21.19 -12.41 2.67
N ARG B 40 22.33 -12.05 3.26
CA ARG B 40 23.60 -12.59 2.77
C ARG B 40 23.92 -13.92 3.44
N GLN B 41 23.35 -14.20 4.61
CA GLN B 41 23.58 -15.51 5.21
C GLN B 41 22.73 -16.56 4.54
N LEU B 42 21.67 -16.15 3.87
CA LEU B 42 20.89 -17.13 3.14
C LEU B 42 21.46 -17.37 1.75
N ASP B 43 21.96 -16.33 1.10
CA ASP B 43 22.60 -16.53 -0.20
C ASP B 43 23.76 -17.50 -0.07
N MET B 44 24.56 -17.36 1.00
CA MET B 44 25.71 -18.23 1.24
C MET B 44 25.27 -19.60 1.76
N GLU B 45 24.20 -19.66 2.57
CA GLU B 45 23.59 -20.93 2.94
C GLU B 45 22.94 -21.62 1.74
N LEU B 46 22.65 -20.89 0.67
CA LEU B 46 22.06 -21.54 -0.49
C LEU B 46 23.12 -22.07 -1.44
N VAL B 47 24.22 -21.34 -1.64
CA VAL B 47 25.35 -21.89 -2.39
C VAL B 47 25.90 -23.12 -1.68
N SER B 48 26.06 -23.02 -0.36
CA SER B 48 26.48 -24.13 0.49
C SER B 48 25.75 -25.44 0.17
N VAL B 49 24.42 -25.39 0.03
CA VAL B 49 23.65 -26.58 -0.27
C VAL B 49 23.70 -26.95 -1.74
N LYS B 50 23.77 -25.98 -2.64
CA LYS B 50 23.67 -26.35 -4.04
C LYS B 50 24.92 -27.06 -4.54
N ARG B 51 26.08 -26.78 -3.96
CA ARG B 51 27.22 -27.60 -4.36
C ARG B 51 27.31 -28.88 -3.55
N GLN B 52 26.77 -28.92 -2.33
CA GLN B 52 26.61 -30.20 -1.68
C GLN B 52 25.62 -31.09 -2.44
N ILE B 53 24.67 -30.49 -3.18
CA ILE B 53 23.87 -31.26 -4.14
C ILE B 53 24.76 -31.90 -5.19
N GLN B 54 25.43 -31.07 -6.02
CA GLN B 54 26.28 -31.62 -7.07
C GLN B 54 27.31 -32.59 -6.52
N ASN B 55 27.62 -32.53 -5.24
CA ASN B 55 28.73 -33.34 -4.80
C ASN B 55 28.28 -34.78 -4.59
N ILE B 56 27.09 -34.94 -4.00
CA ILE B 56 26.46 -36.23 -3.80
C ILE B 56 25.75 -36.68 -5.09
N LYS B 57 25.34 -35.75 -5.94
CA LYS B 57 24.80 -36.13 -7.25
C LYS B 57 25.86 -36.78 -8.13
N GLN B 58 27.13 -36.56 -7.80
CA GLN B 58 28.35 -37.04 -8.48
C GLN B 58 29.00 -38.22 -7.78
N THR B 59 29.01 -38.22 -6.45
CA THR B 59 29.28 -39.47 -5.74
C THR B 59 28.30 -40.55 -6.15
N ASN B 60 27.01 -40.21 -6.26
CA ASN B 60 26.01 -41.22 -6.59
C ASN B 60 26.02 -41.58 -8.06
N SER B 61 26.68 -40.78 -8.90
CA SER B 61 26.87 -41.19 -10.29
C SER B 61 27.93 -42.28 -10.39
N ALA B 62 28.94 -42.23 -9.53
CA ALA B 62 29.97 -43.25 -9.49
C ALA B 62 29.42 -44.58 -8.98
N LEU B 63 28.80 -44.58 -7.80
CA LEU B 63 28.13 -45.78 -7.29
C LEU B 63 27.12 -46.33 -8.28
N LYS B 64 26.38 -45.45 -8.96
CA LYS B 64 25.39 -45.91 -9.91
C LYS B 64 26.06 -46.64 -11.07
N GLU B 65 27.36 -46.48 -11.25
CA GLU B 65 27.92 -47.08 -12.46
C GLU B 65 28.62 -48.40 -12.14
N LYS B 66 29.10 -48.57 -10.89
CA LYS B 66 29.54 -49.87 -10.43
C LYS B 66 28.43 -50.92 -10.51
N LEU B 67 27.17 -50.51 -10.55
CA LEU B 67 26.10 -51.51 -10.66
C LEU B 67 25.73 -51.72 -12.12
N ASP B 68 26.61 -51.40 -13.06
CA ASP B 68 26.18 -51.58 -14.46
C ASP B 68 25.96 -53.08 -14.73
N GLY B 69 24.84 -53.42 -15.37
CA GLY B 69 24.56 -54.82 -15.72
C GLY B 69 23.68 -55.48 -14.68
N GLY B 70 23.56 -54.87 -13.53
CA GLY B 70 22.73 -55.46 -12.46
C GLY B 70 23.30 -56.79 -12.03
N ILE B 71 22.41 -57.73 -11.72
CA ILE B 71 22.83 -59.09 -11.28
C ILE B 71 22.27 -60.11 -12.25
N GLU B 72 22.04 -59.72 -13.50
CA GLU B 72 21.43 -60.68 -14.45
C GLU B 72 22.34 -61.88 -14.65
N PRO B 73 23.67 -61.73 -14.77
CA PRO B 73 24.55 -62.86 -14.95
C PRO B 73 24.58 -63.82 -13.77
N TYR B 74 24.38 -63.33 -12.57
CA TYR B 74 24.49 -64.16 -11.35
C TYR B 74 23.16 -64.79 -10.97
N ARG B 75 22.13 -64.59 -11.78
CA ARG B 75 20.81 -65.18 -11.44
C ARG B 75 20.78 -66.66 -11.76
N LEU B 76 19.86 -67.38 -11.13
CA LEU B 76 19.68 -68.83 -11.32
C LEU B 76 18.23 -69.07 -11.72
N PRO B 77 17.92 -70.11 -12.50
CA PRO B 77 16.56 -70.37 -12.93
C PRO B 77 15.65 -70.81 -11.78
N GLU B 78 14.35 -70.57 -11.92
CA GLU B 78 13.33 -70.94 -10.91
C GLU B 78 13.13 -72.45 -10.97
N VAL B 79 12.80 -73.07 -9.83
CA VAL B 79 12.57 -74.54 -9.86
C VAL B 79 11.08 -74.78 -9.68
N ILE B 80 10.38 -75.17 -10.74
CA ILE B 80 8.93 -75.43 -10.60
C ILE B 80 8.81 -76.88 -10.14
N GLN B 81 8.67 -77.09 -8.84
CA GLN B 81 8.67 -78.46 -8.31
C GLN B 81 7.42 -78.71 -7.50
N LYS B 82 6.67 -79.75 -7.88
CA LYS B 82 5.44 -80.10 -7.18
C LYS B 82 5.77 -80.63 -5.78
N CYS B 83 5.11 -80.06 -4.76
CA CYS B 83 5.37 -80.43 -3.37
C CYS B 83 4.90 -81.83 -3.04
N ASN B 84 5.72 -82.58 -2.30
CA ASN B 84 5.50 -83.98 -1.98
C ASN B 84 5.38 -84.16 -0.47
N ALA B 85 4.91 -85.35 -0.08
CA ALA B 85 4.49 -85.64 1.29
C ALA B 85 5.50 -86.49 2.05
N ARG B 86 6.03 -87.53 1.42
CA ARG B 86 6.87 -88.53 2.09
C ARG B 86 8.31 -88.04 2.20
N TRP B 87 8.93 -88.49 3.31
CA TRP B 87 10.30 -88.08 3.71
C TRP B 87 11.30 -89.17 3.39
N THR B 88 12.07 -89.01 2.31
CA THR B 88 13.12 -89.99 1.98
C THR B 88 14.31 -89.73 2.89
N THR B 89 15.21 -90.68 3.02
CA THR B 89 16.39 -90.48 3.88
C THR B 89 17.21 -89.30 3.35
N GLU B 90 17.35 -89.14 2.05
CA GLU B 90 18.16 -88.01 1.53
C GLU B 90 17.55 -86.71 2.02
N GLU B 91 16.24 -86.54 1.88
CA GLU B 91 15.65 -85.26 2.35
C GLU B 91 15.73 -85.16 3.87
N GLN B 92 15.62 -86.27 4.58
CA GLN B 92 15.76 -86.17 6.03
C GLN B 92 17.15 -85.64 6.37
N LEU B 93 18.17 -86.16 5.71
CA LEU B 93 19.57 -85.76 5.98
C LEU B 93 19.77 -84.31 5.59
N LEU B 94 19.21 -83.89 4.47
CA LEU B 94 19.37 -82.48 4.08
C LEU B 94 18.77 -81.65 5.20
N ALA B 95 17.58 -82.04 5.64
CA ALA B 95 16.86 -81.30 6.67
C ALA B 95 17.72 -81.03 7.89
N VAL B 96 18.20 -82.11 8.55
CA VAL B 96 19.04 -81.98 9.74
C VAL B 96 20.16 -80.99 9.52
N GLN B 97 20.72 -80.96 8.30
CA GLN B 97 21.82 -80.04 8.06
C GLN B 97 21.34 -78.60 7.93
N ALA B 98 20.18 -78.39 7.31
CA ALA B 98 19.63 -77.04 7.20
C ALA B 98 19.32 -76.46 8.57
N ILE B 99 18.71 -77.28 9.43
CA ILE B 99 18.48 -76.90 10.82
C ILE B 99 19.77 -76.47 11.48
N ARG B 100 20.90 -77.10 11.14
CA ARG B 100 22.19 -76.70 11.71
C ARG B 100 22.69 -75.39 11.09
N LYS B 101 22.12 -74.99 9.97
CA LYS B 101 22.58 -73.78 9.34
C LYS B 101 21.58 -72.65 9.43
N TYR B 102 20.34 -72.99 9.72
CA TYR B 102 19.37 -71.88 9.69
C TYR B 102 18.61 -71.78 11.00
N GLY B 103 18.96 -72.56 12.00
CA GLY B 103 18.20 -72.43 13.25
C GLY B 103 16.73 -72.73 13.03
N ARG B 104 15.84 -71.80 13.36
CA ARG B 104 14.39 -72.05 13.22
C ARG B 104 13.84 -71.41 11.96
N ASP B 105 14.67 -70.96 11.03
CA ASP B 105 14.06 -70.27 9.86
C ASP B 105 13.48 -71.31 8.91
N PHE B 106 12.24 -71.71 9.17
CA PHE B 106 11.58 -72.79 8.41
C PHE B 106 11.50 -72.47 6.93
N GLN B 107 11.28 -71.21 6.56
CA GLN B 107 11.13 -70.92 5.12
C GLN B 107 12.41 -71.28 4.37
N ALA B 108 13.57 -70.97 4.94
CA ALA B 108 14.81 -71.32 4.21
C ALA B 108 14.85 -72.82 4.11
N ILE B 109 14.59 -73.48 5.22
CA ILE B 109 14.68 -74.93 5.21
C ILE B 109 13.70 -75.54 4.20
N SER B 110 12.51 -74.96 4.08
CA SER B 110 11.59 -75.37 3.02
C SER B 110 12.17 -75.10 1.63
N ASP B 111 12.94 -74.02 1.47
CA ASP B 111 13.54 -73.75 0.16
C ASP B 111 14.73 -74.65 -0.12
N VAL B 112 15.45 -75.07 0.92
CA VAL B 112 16.59 -75.97 0.74
C VAL B 112 16.14 -77.33 0.27
N ILE B 113 15.24 -77.94 1.03
CA ILE B 113 14.78 -79.31 0.68
C ILE B 113 14.08 -79.22 -0.66
N GLY B 114 13.22 -78.23 -0.80
CA GLY B 114 12.55 -77.95 -2.08
C GLY B 114 11.28 -78.72 -2.31
N ASN B 115 10.99 -79.71 -1.47
CA ASN B 115 9.74 -80.48 -1.65
C ASN B 115 9.03 -80.62 -0.32
N LYS B 116 9.38 -79.77 0.64
CA LYS B 116 8.72 -79.86 1.95
C LYS B 116 8.15 -78.48 2.30
N SER B 117 6.87 -78.46 2.69
CA SER B 117 6.15 -77.22 3.06
C SER B 117 6.61 -76.78 4.44
N VAL B 118 6.47 -75.50 4.76
CA VAL B 118 6.91 -74.98 6.09
C VAL B 118 6.25 -75.75 7.23
N VAL B 119 4.97 -76.08 7.12
CA VAL B 119 4.33 -76.86 8.19
C VAL B 119 5.09 -78.17 8.33
N GLN B 120 5.17 -78.95 7.24
CA GLN B 120 5.82 -80.27 7.37
C GLN B 120 7.24 -80.06 7.84
N VAL B 121 7.90 -78.98 7.42
CA VAL B 121 9.19 -78.77 8.12
C VAL B 121 8.89 -78.61 9.61
N LYS B 122 7.89 -77.81 9.99
CA LYS B 122 7.63 -77.67 11.44
C LYS B 122 7.18 -79.02 11.98
N ASN B 123 6.31 -79.69 11.25
CA ASN B 123 5.86 -81.04 11.65
C ASN B 123 7.09 -81.91 11.77
N PHE B 124 8.02 -81.78 10.82
CA PHE B 124 9.21 -82.62 10.96
C PHE B 124 9.90 -82.39 12.30
N PHE B 125 9.85 -81.16 12.81
CA PHE B 125 10.53 -80.86 14.06
C PHE B 125 10.06 -81.73 15.21
N VAL B 126 8.82 -82.22 15.15
CA VAL B 126 8.27 -83.04 16.22
C VAL B 126 8.33 -84.53 15.88
N ASN B 127 7.96 -84.92 14.65
CA ASN B 127 7.91 -86.34 14.34
C ASN B 127 9.27 -87.00 14.53
N TYR B 128 10.33 -86.37 13.99
CA TYR B 128 11.67 -86.91 14.08
C TYR B 128 12.52 -86.15 15.10
N ARG B 129 11.86 -85.51 16.07
CA ARG B 129 12.54 -84.74 17.10
C ARG B 129 13.52 -85.57 17.91
N ARG B 130 13.09 -86.77 18.32
CA ARG B 130 13.93 -87.67 19.09
C ARG B 130 15.06 -88.22 18.23
N ARG B 131 14.68 -88.85 17.12
CA ARG B 131 15.56 -89.74 16.37
C ARG B 131 16.73 -88.96 15.74
N PHE B 132 16.50 -87.72 15.35
CA PHE B 132 17.55 -86.91 14.75
C PHE B 132 18.14 -85.95 15.73
N ASN B 133 17.75 -86.03 16.98
CA ASN B 133 18.37 -85.28 18.04
C ASN B 133 18.29 -83.77 17.78
N ILE B 134 17.15 -83.32 17.26
CA ILE B 134 16.98 -81.93 16.83
C ILE B 134 17.26 -80.97 17.97
N ASP B 135 17.13 -81.44 19.23
CA ASP B 135 17.39 -80.59 20.39
C ASP B 135 18.83 -80.06 20.37
N GLU B 136 19.81 -80.95 20.17
CA GLU B 136 21.21 -80.52 20.15
C GLU B 136 21.57 -79.78 18.88
N VAL B 137 20.99 -80.17 17.75
CA VAL B 137 21.25 -79.47 16.49
C VAL B 137 20.93 -77.99 16.67
N LEU B 138 19.75 -77.69 17.22
CA LEU B 138 19.33 -76.31 17.41
C LEU B 138 20.18 -75.63 18.47
N GLN B 139 20.57 -76.36 19.50
CA GLN B 139 21.45 -75.78 20.49
C GLN B 139 22.83 -75.43 19.93
N GLU B 140 23.31 -76.12 18.89
CA GLU B 140 24.57 -75.70 18.28
C GLU B 140 24.39 -74.49 17.38
N TRP B 141 23.27 -74.43 16.64
CA TRP B 141 23.00 -73.27 15.81
C TRP B 141 23.16 -71.99 16.61
N GLU B 142 22.59 -71.98 17.83
CA GLU B 142 22.63 -70.78 18.66
C GLU B 142 24.05 -70.46 19.16
N ALA B 143 24.95 -71.43 19.16
CA ALA B 143 26.33 -71.16 19.53
C ALA B 143 27.10 -70.35 18.48
N GLU B 144 26.46 -69.93 17.38
CA GLU B 144 27.10 -68.96 16.45
C GLU B 144 26.42 -67.60 16.53
C4 XRK C . -6.42 14.66 -3.32
C14 XRK C . 0.53 21.64 -7.90
C5 XRK C . -6.88 14.88 -4.59
C6 XRK C . -6.21 15.76 -5.42
C11 XRK C . -2.74 20.29 -6.62
C7 XRK C . -5.09 16.45 -4.99
C8 XRK C . -4.45 17.36 -6.02
C9 XRK C . -2.95 17.24 -6.20
C10 XRK C . -2.86 18.15 -7.41
C12 XRK C . -1.61 20.47 -7.40
C13 XRK C . -0.70 21.43 -7.07
N1 XRK C . -3.60 19.31 -7.02
N2 XRK C . -4.12 20.84 -4.76
C3 XRK C . -5.29 15.33 -2.87
N3 XRK C . -0.13 34.79 0.67
C1 XRK C . -5.10 13.50 0.23
C15 XRK C . -0.93 22.25 -5.92
C16 XRK C . 0.07 23.31 -5.56
C17 XRK C . -2.05 22.05 -5.17
C18 XRK C . -2.97 21.08 -5.53
C19 XRK C . -4.27 21.56 -3.47
C2 XRK C . -4.83 15.04 -1.51
C20 XRK C . -5.04 22.85 -3.52
C21 XRK C . -4.75 23.69 -2.29
C22 XRK C . -5.73 24.80 -2.00
C23 XRK C . -5.34 25.60 -0.78
C24 XRK C . -3.09 31.40 0.18
C25 XRK C . -2.91 32.82 -0.27
C26 XRK C . -1.27 34.37 -0.12
C27 XRK C . 0.95 34.07 1.06
C28 XRK C . 1.20 35.98 1.88
C29 XRK C . 1.60 37.16 2.52
C30 XRK C . -0.33 38.11 1.72
C31 XRK C . 0.02 36.03 1.20
C32 XRK C . -0.94 33.61 -1.38
C33 XRK C . -2.31 33.00 -1.66
C34 XRK C . -5.01 19.91 -5.11
C35 XRK C . -7.16 19.47 -5.16
C36 XRK C . -5.96 18.98 -7.07
C37 XRK C . -4.73 18.90 -6.20
C38 XRK C . -4.61 16.20 -3.71
N4 XRK C . 1.79 34.75 1.78
N5 XRK C . 2.72 37.28 3.21
N6 XRK C . 0.80 38.23 2.42
N7 XRK C . -0.80 37.06 1.07
N8 XRK C . -6.14 19.94 -4.52
N9 XRK C . -7.12 19.10 -6.46
O1 XRK C . -5.68 14.29 -0.83
O10 XRK C . -4.34 28.61 0.20
O11 XRK C . -4.39 28.94 -2.24
O12 XRK C . -2.23 29.09 -0.90
O13 XRK C . -3.99 30.76 -0.70
O14 XRK C . -2.00 33.47 0.63
O15 XRK C . -0.57 34.51 -2.38
O16 XRK C . -3.11 33.92 -2.38
O17 XRK C . -8.20 19.38 -4.57
O18 XRK C . -5.89 18.92 -8.27
O2 XRK C . -3.78 15.38 -1.06
O3 XRK C . -3.52 17.61 -8.48
O4 XRK C . -4.55 23.57 -4.57
O5 XRK C . -4.76 22.86 -1.18
O6 XRK C . -5.78 25.67 -3.11
O7 XRK C . -5.82 26.95 -0.81
O8 XRK C . -6.81 28.71 0.52
O9 XRK C . -5.43 26.95 1.62
P1 XRK C . -5.67 27.82 0.48
P2 XRK C . -3.67 29.29 -1.02
#